data_5YFN
#
_entry.id   5YFN
#
_cell.length_a   111.560
_cell.length_b   92.000
_cell.length_c   138.835
_cell.angle_alpha   90.000
_cell.angle_beta   109.940
_cell.angle_gamma   90.000
#
_symmetry.space_group_name_H-M   'I 1 2 1'
#
loop_
_entity.id
_entity.type
_entity.pdbx_description
1 polymer 'Isocitrate dehydrogenase [NADP] cytoplasmic'
2 non-polymer 'MAGNESIUM ION'
3 non-polymer 'ISOCITRIC ACID'
4 non-polymer 'POTASSIUM ION'
5 water water
#
_entity_poly.entity_id   1
_entity_poly.type   'polypeptide(L)'
_entity_poly.pdbx_seq_one_letter_code
;NLYFQSMMSKKISGGSVVEMQGDEMTRIIWELIKEKLIFPYVELDLHSYDLGIENRDATNDQVTKDAAEAIKKHNVGVKC
ATITPDEKRVEEFKLKQMWKSPNGTIRNILGGTVFREAIICKNIPRLVSGWVKPIIIGRHAYGDQYRATDFVVPGPGKVE
ITYTPSDGTQKVTYLVHNFEEGGGVAMGMYNQDKSIEDFAHSSFQMALSKGWPLYLSTKNTILKKYDGRFKDIFQEIYDK
QYKSQFEAQKIWYEHRLIDDMVAQAMKSEGGFIWACKNYDGDVQSDSVAQGYGSLGMMTSVLVCPDGKTVEAEAAHGTVT
RHYRMYQKGQETSTNPIASIFAWTRGLAHRAKLDNNKELAFFANALEEVSIETIEAGFMTKDLAACIKGLPNVQRSDYLN
TFEFMDKLGENLKIKLAQAKL
;
_entity_poly.pdbx_strand_id   A,B
#
loop_
_chem_comp.id
_chem_comp.type
_chem_comp.name
_chem_comp.formula
ICT non-polymer 'ISOCITRIC ACID' 'C6 H8 O7'
K non-polymer 'POTASSIUM ION' 'K 1'
MG non-polymer 'MAGNESIUM ION' 'Mg 2'
#
# COMPACT_ATOMS: atom_id res chain seq x y z
N ASN A 1 43.56 13.70 38.80
CA ASN A 1 42.90 12.69 39.61
C ASN A 1 42.58 11.47 38.79
N LEU A 2 42.64 11.62 37.48
CA LEU A 2 42.39 10.51 36.56
C LEU A 2 43.69 9.80 36.27
N TYR A 3 44.78 10.53 36.40
CA TYR A 3 46.12 10.06 36.16
C TYR A 3 46.55 9.07 37.21
N PHE A 4 46.04 9.28 38.43
CA PHE A 4 46.37 8.44 39.56
C PHE A 4 45.52 7.21 39.52
N GLN A 5 44.34 7.31 38.95
CA GLN A 5 43.46 6.14 38.80
C GLN A 5 44.17 5.30 37.78
N SER A 6 44.71 4.17 38.20
CA SER A 6 45.49 3.30 37.31
C SER A 6 44.70 2.18 36.66
N MET A 7 43.44 2.06 37.02
CA MET A 7 42.62 1.03 36.45
C MET A 7 41.64 1.63 35.45
N MET A 8 41.44 0.93 34.35
CA MET A 8 40.45 1.40 33.40
C MET A 8 39.29 0.45 33.52
N SER A 9 38.08 0.93 33.28
CA SER A 9 36.90 0.11 33.41
C SER A 9 36.78 -0.96 32.39
N LYS A 10 35.97 -1.94 32.70
CA LYS A 10 35.77 -2.99 31.76
C LYS A 10 34.88 -2.50 30.64
N LYS A 11 34.00 -1.55 30.90
CA LYS A 11 33.07 -1.03 29.92
C LYS A 11 33.60 -0.10 28.85
N ILE A 12 32.83 0.04 27.79
CA ILE A 12 33.15 0.85 26.65
C ILE A 12 32.46 2.17 26.85
N SER A 13 33.06 3.24 26.39
CA SER A 13 32.36 4.52 26.44
C SER A 13 31.43 4.60 25.25
N GLY A 14 30.13 4.63 25.54
CA GLY A 14 29.12 4.77 24.53
C GLY A 14 28.95 6.20 24.07
N GLY A 15 28.93 7.11 25.01
CA GLY A 15 28.76 8.49 24.64
C GLY A 15 27.34 8.89 24.87
N SER A 16 26.95 9.94 24.15
CA SER A 16 25.72 10.64 24.40
C SER A 16 24.58 10.09 23.52
N VAL A 17 23.52 9.57 24.14
CA VAL A 17 22.42 8.91 23.46
C VAL A 17 21.09 9.35 24.08
N VAL A 18 20.12 9.81 23.28
CA VAL A 18 18.75 10.00 23.74
C VAL A 18 17.87 8.72 23.59
N GLU A 19 17.12 8.41 24.64
CA GLU A 19 16.30 7.21 24.80
C GLU A 19 14.89 7.65 24.85
N MET A 20 14.01 6.95 24.19
CA MET A 20 12.59 7.22 24.32
C MET A 20 11.94 5.92 24.82
N GLN A 21 11.42 5.91 26.03
CA GLN A 21 10.85 4.70 26.58
C GLN A 21 9.42 4.56 26.10
N GLY A 22 8.98 3.31 25.94
CA GLY A 22 7.70 3.02 25.33
C GLY A 22 6.68 2.35 26.19
N ASP A 23 5.89 1.55 25.54
CA ASP A 23 4.78 0.91 26.12
C ASP A 23 4.75 -0.57 26.13
N GLU A 24 3.95 -1.08 27.03
CA GLU A 24 3.70 -2.49 27.25
C GLU A 24 4.86 -3.42 27.13
N MET A 25 4.70 -4.48 26.37
CA MET A 25 5.69 -5.49 26.21
C MET A 25 6.96 -5.12 25.51
N THR A 26 6.93 -4.08 24.72
CA THR A 26 8.13 -3.69 24.04
C THR A 26 9.00 -2.98 25.02
N ARG A 27 8.39 -2.40 26.02
CA ARG A 27 9.08 -1.70 27.03
C ARG A 27 9.80 -2.63 27.96
N ILE A 28 9.22 -3.78 28.17
CA ILE A 28 9.77 -4.81 29.00
C ILE A 28 11.02 -5.32 28.31
N ILE A 29 10.89 -5.64 27.04
CA ILE A 29 11.98 -6.10 26.20
C ILE A 29 13.14 -5.09 26.18
N TRP A 30 12.80 -3.81 26.04
CA TRP A 30 13.74 -2.69 26.04
C TRP A 30 14.60 -2.68 27.28
N GLU A 31 13.99 -2.81 28.46
CA GLU A 31 14.76 -2.79 29.76
C GLU A 31 15.56 -4.05 29.92
N LEU A 32 15.01 -5.18 29.55
CA LEU A 32 15.82 -6.39 29.49
C LEU A 32 17.10 -6.25 28.62
N ILE A 33 16.99 -5.59 27.45
CA ILE A 33 18.06 -5.48 26.47
C ILE A 33 19.15 -4.62 27.09
N LYS A 34 18.69 -3.58 27.78
CA LYS A 34 19.57 -2.70 28.49
C LYS A 34 20.20 -3.39 29.71
N GLU A 35 19.40 -4.09 30.51
CA GLU A 35 19.90 -4.74 31.70
C GLU A 35 20.92 -5.80 31.27
N LYS A 36 20.74 -6.49 30.14
CA LYS A 36 21.52 -7.70 29.85
C LYS A 36 22.47 -7.72 28.64
N LEU A 37 22.31 -6.76 27.73
CA LEU A 37 23.08 -6.76 26.50
C LEU A 37 23.89 -5.48 26.29
N ILE A 38 23.44 -4.34 26.78
CA ILE A 38 24.08 -3.05 26.58
C ILE A 38 24.91 -2.72 27.83
N PHE A 39 24.22 -2.46 28.95
CA PHE A 39 24.85 -1.96 30.20
C PHE A 39 26.02 -2.77 30.76
N PRO A 40 25.93 -4.12 30.77
CA PRO A 40 27.07 -4.91 31.18
C PRO A 40 28.38 -4.60 30.46
N TYR A 41 28.30 -4.04 29.24
CA TYR A 41 29.46 -3.80 28.41
C TYR A 41 29.72 -2.38 27.96
N VAL A 42 28.77 -1.47 28.15
CA VAL A 42 28.84 -0.13 27.59
C VAL A 42 28.31 0.86 28.62
N GLU A 43 29.01 1.97 28.76
CA GLU A 43 28.69 3.00 29.73
C GLU A 43 28.09 4.13 28.91
N LEU A 44 26.88 4.55 29.25
CA LEU A 44 26.20 5.56 28.47
C LEU A 44 25.85 6.77 29.29
N ASP A 45 25.85 7.90 28.56
CA ASP A 45 25.36 9.16 29.05
C ASP A 45 23.92 9.24 28.45
N LEU A 46 23.03 8.46 29.06
CA LEU A 46 21.64 8.30 28.64
C LEU A 46 20.83 9.48 29.02
N HIS A 47 20.25 10.13 28.02
CA HIS A 47 19.26 11.13 28.25
C HIS A 47 17.93 10.47 28.04
N SER A 48 17.24 10.14 29.12
CA SER A 48 16.02 9.35 29.01
C SER A 48 14.73 10.17 29.03
N TYR A 49 13.84 9.90 28.08
CA TYR A 49 12.51 10.47 28.08
C TYR A 49 11.51 9.33 28.17
N ASP A 50 10.47 9.50 28.98
CA ASP A 50 9.50 8.45 29.10
C ASP A 50 8.29 8.75 28.20
N LEU A 51 8.22 8.03 27.06
CA LEU A 51 7.06 8.14 26.16
C LEU A 51 6.03 7.03 26.37
N GLY A 52 6.01 6.42 27.55
CA GLY A 52 4.91 5.56 27.90
C GLY A 52 3.63 6.38 27.90
N ILE A 53 2.51 5.76 27.59
CA ILE A 53 1.24 6.44 27.49
C ILE A 53 0.86 7.23 28.75
N GLU A 54 1.19 6.72 29.94
CA GLU A 54 0.88 7.45 31.18
C GLU A 54 1.66 8.76 31.39
N ASN A 55 2.96 8.74 31.14
CA ASN A 55 3.76 9.93 31.20
C ASN A 55 3.41 10.91 30.08
N ARG A 56 3.00 10.41 28.90
CA ARG A 56 2.57 11.34 27.84
C ARG A 56 1.35 12.14 28.31
N ASP A 57 0.41 11.46 28.93
CA ASP A 57 -0.77 12.06 29.47
C ASP A 57 -0.40 13.02 30.56
N ALA A 58 0.42 12.59 31.51
CA ALA A 58 0.87 13.45 32.61
C ALA A 58 1.44 14.78 32.12
N THR A 59 2.23 14.76 31.04
CA THR A 59 2.92 15.97 30.54
C THR A 59 2.21 16.63 29.36
N ASN A 60 0.94 16.33 29.16
CA ASN A 60 0.20 16.82 27.98
C ASN A 60 1.02 16.70 26.68
N ASP A 61 1.70 15.56 26.55
CA ASP A 61 2.49 15.19 25.37
C ASP A 61 3.74 16.04 25.20
N GLN A 62 4.05 16.92 26.14
CA GLN A 62 5.26 17.76 26.05
C GLN A 62 6.55 16.93 26.00
N VAL A 63 6.58 15.84 26.77
CA VAL A 63 7.76 14.94 26.81
C VAL A 63 8.17 14.38 25.42
N THR A 64 7.14 14.10 24.61
CA THR A 64 7.29 13.67 23.22
C THR A 64 8.09 14.73 22.43
N LYS A 65 7.65 15.97 22.49
CA LYS A 65 8.45 17.10 21.92
C LYS A 65 9.81 17.29 22.50
N ASP A 66 9.95 17.22 23.82
CA ASP A 66 11.27 17.53 24.42
C ASP A 66 12.30 16.47 23.99
N ALA A 67 11.84 15.21 23.96
CA ALA A 67 12.62 14.10 23.45
C ALA A 67 13.09 14.31 22.01
N ALA A 68 12.20 14.83 21.18
CA ALA A 68 12.55 15.10 19.82
C ALA A 68 13.63 16.22 19.74
N GLU A 69 13.37 17.32 20.46
CA GLU A 69 14.34 18.42 20.62
C GLU A 69 15.69 17.92 21.07
N ALA A 70 15.67 16.99 22.02
CA ALA A 70 16.92 16.42 22.55
C ALA A 70 17.71 15.61 21.53
N ILE A 71 17.04 14.97 20.61
CA ILE A 71 17.71 14.22 19.58
C ILE A 71 18.38 15.21 18.68
N LYS A 72 17.71 16.30 18.37
CA LYS A 72 18.32 17.37 17.53
C LYS A 72 19.65 17.81 18.11
N LYS A 73 19.70 17.95 19.41
CA LYS A 73 20.86 18.50 20.12
C LYS A 73 21.99 17.48 20.33
N HIS A 74 21.63 16.22 20.60
CA HIS A 74 22.59 15.13 20.89
C HIS A 74 22.87 14.16 19.77
N ASN A 75 22.09 14.22 18.70
CA ASN A 75 22.34 13.51 17.44
C ASN A 75 21.96 12.02 17.32
N VAL A 76 21.67 11.32 18.43
CA VAL A 76 21.32 9.91 18.42
C VAL A 76 20.13 9.62 19.31
N GLY A 77 19.07 9.14 18.72
CA GLY A 77 17.93 8.74 19.47
C GLY A 77 17.60 7.28 19.28
N VAL A 78 17.28 6.58 20.34
CA VAL A 78 16.73 5.23 20.24
C VAL A 78 15.32 5.22 20.80
N LYS A 79 14.39 4.73 20.02
CA LYS A 79 13.01 4.71 20.42
C LYS A 79 12.30 3.36 20.48
N CYS A 80 11.70 3.09 21.61
CA CYS A 80 10.88 1.90 21.86
C CYS A 80 9.47 2.12 21.30
N ALA A 81 8.83 1.07 20.86
CA ALA A 81 7.48 1.17 20.37
C ALA A 81 6.46 1.72 21.37
N THR A 82 5.64 2.63 20.91
CA THR A 82 4.66 3.24 21.76
C THR A 82 3.22 2.99 21.32
N ILE A 83 2.28 3.31 22.18
CA ILE A 83 0.89 3.21 21.84
C ILE A 83 0.39 4.53 21.29
N THR A 84 -0.23 4.50 20.14
CA THR A 84 -0.90 5.66 19.62
C THR A 84 -2.33 5.35 20.03
N PRO A 85 -2.89 6.10 20.94
CA PRO A 85 -4.23 5.80 21.47
C PRO A 85 -5.44 6.10 20.59
N ASP A 86 -6.35 5.13 20.55
CA ASP A 86 -7.75 5.26 20.04
C ASP A 86 -8.70 5.45 21.25
N GLU A 87 -10.01 5.38 21.01
CA GLU A 87 -11.02 5.51 22.09
C GLU A 87 -10.90 4.46 23.22
N LYS A 88 -10.69 3.18 22.91
CA LYS A 88 -10.47 2.18 23.93
C LYS A 88 -9.33 2.53 24.88
N ARG A 89 -8.29 3.15 24.37
CA ARG A 89 -7.18 3.55 25.20
C ARG A 89 -7.48 4.80 25.98
N VAL A 90 -8.33 5.66 25.47
CA VAL A 90 -8.72 6.82 26.20
C VAL A 90 -9.53 6.38 27.43
N GLU A 91 -10.46 5.47 27.25
CA GLU A 91 -11.24 4.91 28.37
C GLU A 91 -10.35 4.14 29.35
N GLU A 92 -9.59 3.19 28.85
CA GLU A 92 -8.70 2.38 29.67
C GLU A 92 -7.82 3.12 30.63
N PHE A 93 -7.10 4.12 30.18
CA PHE A 93 -6.19 4.83 31.03
C PHE A 93 -6.67 6.19 31.45
N LYS A 94 -7.97 6.49 31.34
CA LYS A 94 -8.61 7.86 31.48
C LYS A 94 -7.64 8.96 31.03
N LEU A 95 -7.42 9.07 29.75
CA LEU A 95 -6.51 10.03 29.21
C LEU A 95 -7.21 11.33 29.03
N LYS A 96 -6.45 12.41 29.07
CA LYS A 96 -7.03 13.72 28.92
C LYS A 96 -7.53 13.93 27.51
N GLN A 97 -6.66 13.65 26.55
CA GLN A 97 -6.98 13.74 25.16
C GLN A 97 -6.59 12.49 24.46
N MET A 98 -6.98 12.35 23.21
CA MET A 98 -6.57 11.23 22.40
C MET A 98 -5.29 11.64 21.73
N TRP A 99 -4.20 11.58 22.45
CA TRP A 99 -2.93 12.00 21.94
C TRP A 99 -2.50 11.45 20.61
N LYS A 100 -2.10 12.37 19.76
CA LYS A 100 -1.54 12.09 18.47
C LYS A 100 -0.31 11.16 18.50
N SER A 101 -0.08 10.47 17.42
CA SER A 101 1.08 9.64 17.25
C SER A 101 2.40 10.33 17.59
N PRO A 102 3.11 9.78 18.54
CA PRO A 102 4.39 10.29 18.99
C PRO A 102 5.41 10.23 17.88
N ASN A 103 5.34 9.24 17.03
CA ASN A 103 6.22 9.09 15.92
C ASN A 103 5.97 10.20 14.95
N GLY A 104 4.70 10.48 14.73
CA GLY A 104 4.32 11.57 13.89
C GLY A 104 4.92 12.85 14.37
N THR A 105 4.77 13.12 15.65
CA THR A 105 5.31 14.28 16.27
C THR A 105 6.83 14.33 16.18
N ILE A 106 7.51 13.23 16.39
CA ILE A 106 8.95 13.22 16.33
C ILE A 106 9.50 13.38 14.93
N ARG A 107 8.85 12.79 13.96
CA ARG A 107 9.27 12.87 12.59
C ARG A 107 9.01 14.24 12.01
N ASN A 108 7.96 14.89 12.46
CA ASN A 108 7.64 16.20 12.01
C ASN A 108 8.66 17.20 12.49
N ILE A 109 9.16 17.00 13.69
CA ILE A 109 10.17 17.86 14.25
C ILE A 109 11.53 17.60 13.65
N LEU A 110 11.94 16.36 13.54
CA LEU A 110 13.25 16.07 13.03
C LEU A 110 13.34 16.08 11.55
N GLY A 111 12.30 15.61 10.89
CA GLY A 111 12.32 15.49 9.45
C GLY A 111 13.21 14.41 8.90
N GLY A 112 13.28 14.30 7.60
CA GLY A 112 14.23 13.38 7.00
C GLY A 112 13.53 12.19 6.34
N THR A 113 14.23 11.05 6.32
CA THR A 113 13.79 9.84 5.69
C THR A 113 14.01 8.65 6.60
N VAL A 114 13.00 7.81 6.70
CA VAL A 114 13.09 6.59 7.49
C VAL A 114 13.46 5.45 6.60
N PHE A 115 14.62 4.87 6.83
CA PHE A 115 15.14 3.78 6.03
C PHE A 115 14.76 2.44 6.65
N ARG A 116 14.05 1.62 5.90
CA ARG A 116 13.57 0.35 6.37
C ARG A 116 14.00 -0.82 5.53
N GLU A 117 14.38 -1.88 6.18
CA GLU A 117 14.92 -3.04 5.51
C GLU A 117 14.62 -4.25 6.43
N ALA A 118 14.40 -5.41 5.81
CA ALA A 118 14.26 -6.66 6.59
C ALA A 118 15.57 -7.02 7.34
N ILE A 119 15.43 -7.74 8.43
CA ILE A 119 16.55 -8.36 9.16
C ILE A 119 16.51 -9.82 8.77
N ILE A 120 17.47 -10.25 7.95
CA ILE A 120 17.48 -11.59 7.35
C ILE A 120 18.22 -12.66 8.15
N CYS A 121 17.54 -13.79 8.35
CA CYS A 121 18.12 -14.99 8.93
C CYS A 121 18.00 -16.11 7.91
N LYS A 122 19.11 -16.78 7.59
CA LYS A 122 19.17 -17.86 6.61
C LYS A 122 18.18 -18.98 6.78
N ASN A 123 17.71 -19.25 8.00
CA ASN A 123 16.72 -20.35 8.23
C ASN A 123 15.26 -19.88 8.38
N ILE A 124 15.00 -18.58 8.25
CA ILE A 124 13.66 -18.06 8.32
C ILE A 124 13.17 -17.88 6.88
N PRO A 125 12.19 -18.69 6.47
CA PRO A 125 11.85 -18.61 5.05
C PRO A 125 11.07 -17.35 4.63
N ARG A 126 11.44 -16.82 3.48
CA ARG A 126 10.70 -15.75 2.78
C ARG A 126 9.33 -16.23 2.34
N LEU A 127 8.35 -15.33 2.24
CA LEU A 127 7.07 -15.65 1.59
C LEU A 127 7.07 -15.34 0.10
N VAL A 128 7.94 -14.40 -0.31
CA VAL A 128 8.13 -14.04 -1.70
C VAL A 128 9.42 -14.70 -2.24
N SER A 129 9.29 -15.43 -3.32
CA SER A 129 10.25 -16.48 -3.68
C SER A 129 11.46 -15.82 -4.29
N GLY A 130 11.23 -14.86 -5.16
CA GLY A 130 12.32 -14.15 -5.77
C GLY A 130 13.27 -13.32 -4.92
N TRP A 131 12.85 -12.94 -3.70
CA TRP A 131 13.52 -11.87 -2.93
C TRP A 131 14.87 -12.31 -2.27
N VAL A 132 15.87 -12.52 -3.11
CA VAL A 132 17.17 -13.05 -2.69
C VAL A 132 18.16 -11.95 -2.28
N LYS A 133 17.92 -10.68 -2.66
CA LYS A 133 18.65 -9.54 -2.16
C LYS A 133 17.69 -8.65 -1.38
N PRO A 134 18.18 -7.88 -0.40
CA PRO A 134 17.26 -7.02 0.36
C PRO A 134 16.59 -5.89 -0.45
N ILE A 135 15.50 -5.37 0.10
CA ILE A 135 14.83 -4.19 -0.41
C ILE A 135 14.85 -3.20 0.70
N ILE A 136 15.27 -1.99 0.37
CA ILE A 136 15.37 -0.90 1.29
C ILE A 136 14.39 0.15 0.85
N ILE A 137 13.48 0.45 1.76
CA ILE A 137 12.54 1.51 1.57
C ILE A 137 13.11 2.71 2.23
N GLY A 138 13.02 3.84 1.53
CA GLY A 138 13.21 5.14 2.12
C GLY A 138 11.87 5.85 2.23
N ARG A 139 11.35 5.87 3.42
CA ARG A 139 10.10 6.50 3.66
C ARG A 139 10.26 7.94 4.06
N HIS A 140 9.77 8.83 3.26
CA HIS A 140 9.74 10.23 3.58
C HIS A 140 9.03 10.44 4.87
N ALA A 141 9.69 11.02 5.86
CA ALA A 141 9.19 11.16 7.22
C ALA A 141 8.27 12.30 7.56
N TYR A 142 8.03 13.15 6.61
CA TYR A 142 7.29 14.34 6.86
C TYR A 142 6.04 14.61 6.03
N GLY A 143 5.00 15.15 6.65
CA GLY A 143 3.87 15.66 5.90
C GLY A 143 2.88 14.62 5.39
N ASP A 144 2.16 15.01 4.32
CA ASP A 144 1.04 14.24 3.77
C ASP A 144 0.11 13.81 4.90
N GLN A 145 -0.40 12.60 4.87
CA GLN A 145 -1.35 12.12 5.86
C GLN A 145 -1.02 12.33 7.34
N TYR A 146 0.24 12.42 7.66
CA TYR A 146 0.68 12.59 9.02
C TYR A 146 0.71 13.98 9.58
N ARG A 147 0.17 14.92 8.87
CA ARG A 147 0.18 16.26 9.29
C ARG A 147 -0.97 16.91 8.60
N ALA A 148 -2.01 16.16 8.47
CA ALA A 148 -3.18 16.50 7.74
C ALA A 148 -4.17 17.12 8.69
N THR A 149 -5.24 17.62 8.08
CA THR A 149 -6.29 18.32 8.74
C THR A 149 -7.57 17.74 8.17
N ASP A 150 -8.21 16.83 8.92
CA ASP A 150 -9.34 16.09 8.42
C ASP A 150 -10.53 16.30 9.34
N PHE A 151 -11.76 16.09 8.84
CA PHE A 151 -12.99 16.37 9.60
C PHE A 151 -14.27 15.81 8.98
N VAL A 152 -15.26 15.60 9.83
CA VAL A 152 -16.59 15.14 9.39
C VAL A 152 -17.33 16.32 8.79
N VAL A 153 -17.99 16.10 7.66
CA VAL A 153 -18.82 17.10 7.01
C VAL A 153 -20.24 16.73 7.50
N PRO A 154 -20.81 17.61 8.35
CA PRO A 154 -22.02 17.23 9.13
C PRO A 154 -23.28 17.08 8.28
N GLY A 155 -23.35 17.87 7.24
CA GLY A 155 -24.43 17.84 6.30
C GLY A 155 -24.06 18.72 5.12
N PRO A 156 -25.03 19.02 4.26
CA PRO A 156 -24.86 19.84 3.07
C PRO A 156 -24.08 21.11 3.27
N GLY A 157 -23.25 21.41 2.31
CA GLY A 157 -22.45 22.59 2.41
C GLY A 157 -21.35 22.54 1.43
N LYS A 158 -20.47 23.51 1.52
CA LYS A 158 -19.42 23.57 0.58
C LYS A 158 -18.04 23.62 1.18
N VAL A 159 -17.26 22.61 0.88
CA VAL A 159 -15.86 22.54 1.32
C VAL A 159 -14.99 23.16 0.24
N GLU A 160 -14.11 24.09 0.64
CA GLU A 160 -13.15 24.69 -0.25
C GLU A 160 -11.79 24.78 0.46
N ILE A 161 -10.74 25.06 -0.32
CA ILE A 161 -9.37 25.06 0.19
C ILE A 161 -8.75 26.21 -0.52
N THR A 162 -7.93 26.98 0.16
CA THR A 162 -7.53 28.28 -0.36
C THR A 162 -6.10 28.47 0.03
N TYR A 163 -5.35 29.18 -0.83
CA TYR A 163 -4.01 29.62 -0.52
C TYR A 163 -3.97 31.15 -0.59
N THR A 164 -3.27 31.77 0.35
CA THR A 164 -3.27 33.20 0.58
C THR A 164 -1.81 33.57 0.75
N PRO A 165 -1.16 34.03 -0.33
CA PRO A 165 0.27 34.27 -0.24
C PRO A 165 0.56 35.49 0.62
N SER A 166 1.71 35.48 1.25
CA SER A 166 2.04 36.47 2.28
C SER A 166 2.74 37.72 1.70
N ASP A 167 3.12 37.66 0.42
CA ASP A 167 3.48 38.86 -0.36
C ASP A 167 2.24 39.76 -0.70
N GLY A 168 1.06 39.37 -0.23
CA GLY A 168 -0.14 40.15 -0.42
C GLY A 168 -0.91 39.86 -1.69
N THR A 169 -0.27 39.24 -2.72
CA THR A 169 -0.80 39.24 -4.12
C THR A 169 -2.27 38.88 -4.26
N GLN A 170 -2.68 37.62 -4.07
CA GLN A 170 -4.12 37.26 -4.26
C GLN A 170 -4.58 35.84 -3.94
N LYS A 171 -5.62 35.72 -3.14
CA LYS A 171 -6.28 34.44 -2.81
C LYS A 171 -6.55 33.59 -4.04
N VAL A 172 -6.14 32.31 -3.98
CA VAL A 172 -6.75 31.29 -4.84
C VAL A 172 -7.73 30.52 -3.98
N THR A 173 -8.85 30.09 -4.56
CA THR A 173 -9.79 29.26 -3.86
C THR A 173 -10.30 28.22 -4.82
N TYR A 174 -10.20 26.96 -4.38
CA TYR A 174 -10.54 25.80 -5.18
C TYR A 174 -11.70 25.21 -4.47
N LEU A 175 -12.66 24.69 -5.20
CA LEU A 175 -13.76 24.04 -4.56
C LEU A 175 -13.37 22.58 -4.49
N VAL A 176 -13.57 21.97 -3.34
CA VAL A 176 -13.22 20.60 -3.08
C VAL A 176 -14.44 19.76 -3.38
N HIS A 177 -15.58 20.10 -2.82
CA HIS A 177 -16.83 19.39 -3.08
C HIS A 177 -17.95 20.19 -2.53
N ASN A 178 -19.09 20.16 -3.18
CA ASN A 178 -20.24 20.79 -2.67
C ASN A 178 -21.12 19.62 -2.33
N PHE A 179 -21.30 19.37 -1.06
CA PHE A 179 -22.12 18.27 -0.61
C PHE A 179 -23.52 18.77 -0.79
N GLU A 180 -24.40 17.95 -1.32
CA GLU A 180 -25.73 18.44 -1.53
C GLU A 180 -26.78 17.59 -0.95
N GLU A 181 -26.61 16.30 -1.03
CA GLU A 181 -27.62 15.44 -0.48
C GLU A 181 -27.33 14.98 0.93
N GLY A 182 -26.13 15.18 1.42
CA GLY A 182 -25.86 14.74 2.77
C GLY A 182 -24.51 15.17 3.23
N GLY A 183 -23.90 14.41 4.13
CA GLY A 183 -22.59 14.75 4.58
C GLY A 183 -21.53 13.73 4.26
N GLY A 184 -20.38 13.93 4.86
CA GLY A 184 -19.22 13.03 4.72
C GLY A 184 -17.92 13.41 5.43
N VAL A 185 -16.80 13.36 4.74
CA VAL A 185 -15.51 13.65 5.34
C VAL A 185 -14.76 14.51 4.37
N ALA A 186 -13.85 15.31 4.86
CA ALA A 186 -13.00 16.08 4.00
C ALA A 186 -11.66 16.24 4.66
N MET A 187 -10.60 16.42 3.88
CA MET A 187 -9.28 16.65 4.47
C MET A 187 -8.41 17.51 3.60
N GLY A 188 -7.51 18.24 4.23
CA GLY A 188 -6.41 18.98 3.59
C GLY A 188 -5.07 18.44 4.07
N MET A 189 -4.06 18.42 3.19
CA MET A 189 -2.75 17.89 3.52
C MET A 189 -1.79 18.58 2.63
N TYR A 190 -0.53 18.63 3.03
CA TYR A 190 0.51 19.34 2.32
C TYR A 190 1.89 18.74 2.48
N ASN A 191 2.81 19.19 1.65
CA ASN A 191 4.19 18.89 1.85
C ASN A 191 4.96 20.11 1.43
N GLN A 192 6.27 20.05 1.61
CA GLN A 192 7.09 21.24 1.59
C GLN A 192 8.29 20.95 0.73
N ASP A 193 8.68 21.92 -0.09
CA ASP A 193 9.72 21.70 -1.10
C ASP A 193 11.06 21.29 -0.53
N LYS A 194 11.50 21.97 0.52
CA LYS A 194 12.83 21.68 1.09
C LYS A 194 12.83 20.22 1.58
N SER A 195 11.76 19.81 2.25
CA SER A 195 11.64 18.42 2.73
C SER A 195 11.71 17.42 1.56
N ILE A 196 11.00 17.73 0.49
CA ILE A 196 11.05 16.87 -0.66
C ILE A 196 12.44 16.83 -1.24
N GLU A 197 13.15 17.93 -1.19
CA GLU A 197 14.49 17.94 -1.68
C GLU A 197 15.38 17.07 -0.83
N ASP A 198 15.27 17.15 0.49
CA ASP A 198 16.08 16.37 1.38
C ASP A 198 15.81 14.89 1.25
N PHE A 199 14.55 14.57 1.06
CA PHE A 199 14.06 13.24 0.83
C PHE A 199 14.78 12.72 -0.40
N ALA A 200 14.77 13.47 -1.47
CA ALA A 200 15.48 13.12 -2.67
C ALA A 200 16.96 12.86 -2.42
N HIS A 201 17.68 13.79 -1.81
CA HIS A 201 19.11 13.62 -1.57
C HIS A 201 19.47 12.36 -0.85
N SER A 202 18.71 12.03 0.17
CA SER A 202 18.90 10.83 0.94
C SER A 202 18.64 9.58 0.15
N SER A 203 17.67 9.59 -0.72
CA SER A 203 17.34 8.46 -1.53
C SER A 203 18.45 8.22 -2.52
N PHE A 204 18.95 9.27 -3.12
CA PHE A 204 20.04 9.15 -4.03
C PHE A 204 21.30 8.70 -3.33
N GLN A 205 21.55 9.25 -2.16
CA GLN A 205 22.73 8.90 -1.41
C GLN A 205 22.73 7.47 -0.99
N MET A 206 21.59 6.98 -0.54
CA MET A 206 21.46 5.59 -0.10
C MET A 206 21.80 4.61 -1.23
N ALA A 207 21.26 4.86 -2.40
CA ALA A 207 21.52 4.05 -3.64
C ALA A 207 23.00 3.94 -4.07
N LEU A 208 23.71 5.08 -3.98
CA LEU A 208 25.17 5.12 -4.21
C LEU A 208 25.92 4.45 -3.11
N SER A 209 25.50 4.67 -1.87
CA SER A 209 26.16 3.95 -0.78
C SER A 209 25.97 2.46 -0.89
N LYS A 210 24.86 1.98 -1.45
CA LYS A 210 24.65 0.52 -1.52
C LYS A 210 25.03 -0.05 -2.87
N GLY A 211 25.18 0.79 -3.90
CA GLY A 211 25.40 0.31 -5.27
C GLY A 211 24.15 -0.28 -5.98
N TRP A 212 22.96 0.26 -5.71
CA TRP A 212 21.74 -0.34 -6.21
C TRP A 212 20.96 0.70 -6.86
N PRO A 213 20.11 0.32 -7.82
CA PRO A 213 19.18 1.28 -8.45
C PRO A 213 18.21 1.91 -7.44
N LEU A 214 17.68 3.08 -7.79
CA LEU A 214 16.69 3.75 -7.00
C LEU A 214 15.37 3.86 -7.83
N TYR A 215 14.26 3.66 -7.15
CA TYR A 215 12.94 3.90 -7.69
C TYR A 215 12.09 4.80 -6.81
N LEU A 216 11.53 5.86 -7.35
CA LEU A 216 10.52 6.66 -6.58
C LEU A 216 9.09 6.29 -7.07
N SER A 217 8.15 6.08 -6.14
CA SER A 217 6.75 5.81 -6.42
C SER A 217 5.87 6.99 -6.18
N THR A 218 5.03 7.35 -7.16
CA THR A 218 3.94 8.34 -6.92
C THR A 218 2.73 7.91 -7.74
N LYS A 219 1.68 8.70 -7.74
CA LYS A 219 0.56 8.46 -8.61
C LYS A 219 0.24 9.78 -9.27
N ASN A 220 1.23 10.34 -9.92
CA ASN A 220 1.17 11.65 -10.59
C ASN A 220 0.24 11.75 -11.78
N THR A 221 -0.08 10.64 -12.39
CA THR A 221 -1.10 10.59 -13.39
C THR A 221 -2.41 11.10 -12.84
N ILE A 222 -2.69 10.89 -11.56
CA ILE A 222 -3.90 11.30 -10.88
C ILE A 222 -3.73 12.62 -10.15
N LEU A 223 -2.79 12.69 -9.23
CA LEU A 223 -2.45 13.92 -8.55
C LEU A 223 -1.36 14.66 -9.31
N LYS A 224 -1.70 15.40 -10.34
CA LYS A 224 -0.65 15.89 -11.29
C LYS A 224 0.27 16.95 -10.67
N LYS A 225 -0.25 17.67 -9.68
CA LYS A 225 0.48 18.75 -9.03
C LYS A 225 1.20 18.30 -7.81
N TYR A 226 0.48 17.55 -6.95
CA TYR A 226 1.00 17.16 -5.65
C TYR A 226 2.17 16.19 -5.82
N ASP A 227 1.92 15.14 -6.61
CA ASP A 227 2.89 14.09 -6.85
C ASP A 227 3.86 14.48 -7.94
N GLY A 228 3.37 15.23 -8.94
CA GLY A 228 4.29 15.79 -9.96
C GLY A 228 5.42 16.53 -9.31
N ARG A 229 5.11 17.22 -8.21
CA ARG A 229 6.14 17.95 -7.53
C ARG A 229 7.26 17.05 -6.98
N PHE A 230 6.91 15.85 -6.48
CA PHE A 230 7.93 14.84 -6.11
C PHE A 230 8.70 14.31 -7.31
N LYS A 231 7.99 14.03 -8.35
CA LYS A 231 8.62 13.53 -9.50
C LYS A 231 9.53 14.57 -10.09
N ASP A 232 9.11 15.81 -10.15
CA ASP A 232 9.95 16.84 -10.75
C ASP A 232 11.21 17.06 -9.95
N ILE A 233 11.05 17.13 -8.61
CA ILE A 233 12.19 17.41 -7.74
C ILE A 233 13.22 16.29 -7.77
N PHE A 234 12.79 15.03 -7.81
CA PHE A 234 13.75 13.92 -7.87
C PHE A 234 14.51 13.98 -9.21
N GLN A 235 13.83 14.26 -10.29
CA GLN A 235 14.45 14.32 -11.59
C GLN A 235 15.48 15.41 -11.75
N GLU A 236 15.16 16.58 -11.27
CA GLU A 236 16.03 17.71 -11.34
C GLU A 236 17.27 17.47 -10.58
N ILE A 237 17.11 16.97 -9.38
CA ILE A 237 18.24 16.70 -8.56
C ILE A 237 19.09 15.58 -9.11
N TYR A 238 18.47 14.59 -9.69
CA TYR A 238 19.19 13.49 -10.27
C TYR A 238 19.99 13.92 -11.47
N ASP A 239 19.38 14.74 -12.29
CA ASP A 239 20.02 15.20 -13.48
C ASP A 239 21.15 16.12 -13.14
N LYS A 240 20.91 17.01 -12.21
CA LYS A 240 21.93 17.93 -11.81
C LYS A 240 23.08 17.41 -10.94
N GLN A 241 22.85 16.47 -10.03
CA GLN A 241 23.96 16.02 -9.20
C GLN A 241 24.30 14.57 -9.09
N TYR A 242 23.45 13.68 -9.55
CA TYR A 242 23.73 12.28 -9.32
C TYR A 242 23.80 11.37 -10.51
N LYS A 243 23.20 11.77 -11.60
CA LYS A 243 23.17 10.97 -12.81
C LYS A 243 24.49 10.40 -13.29
N SER A 244 25.53 11.20 -13.40
CA SER A 244 26.84 10.66 -13.86
C SER A 244 27.47 9.73 -12.83
N GLN A 245 27.25 10.00 -11.56
CA GLN A 245 27.69 9.09 -10.56
C GLN A 245 26.95 7.78 -10.69
N PHE A 246 25.66 7.81 -10.94
CA PHE A 246 24.85 6.57 -11.15
C PHE A 246 25.31 5.78 -12.37
N GLU A 247 25.46 6.49 -13.49
CA GLU A 247 25.93 5.82 -14.71
C GLU A 247 27.32 5.22 -14.46
N ALA A 248 28.22 5.95 -13.79
CA ALA A 248 29.58 5.42 -13.45
C ALA A 248 29.54 4.10 -12.68
N GLN A 249 28.45 3.86 -11.93
CA GLN A 249 28.28 2.67 -11.12
C GLN A 249 27.27 1.61 -11.59
N LYS A 250 26.88 1.64 -12.87
CA LYS A 250 25.88 0.69 -13.42
C LYS A 250 24.54 0.74 -12.67
N ILE A 251 24.05 1.90 -12.31
CA ILE A 251 22.77 1.97 -11.64
C ILE A 251 21.96 3.10 -12.19
N TRP A 252 20.69 3.17 -11.83
CA TRP A 252 19.81 4.17 -12.44
C TRP A 252 18.75 4.66 -11.47
N TYR A 253 18.09 5.74 -11.87
CA TYR A 253 16.99 6.30 -11.12
C TYR A 253 15.76 6.32 -12.03
N GLU A 254 14.62 5.79 -11.58
CA GLU A 254 13.35 5.75 -12.32
C GLU A 254 12.16 6.04 -11.40
N HIS A 255 11.29 6.87 -11.91
CA HIS A 255 10.00 7.10 -11.33
C HIS A 255 9.00 6.01 -11.83
N ARG A 256 8.21 5.47 -10.93
CA ARG A 256 7.21 4.50 -11.24
C ARG A 256 5.95 4.86 -10.59
N LEU A 257 4.87 4.49 -11.23
CA LEU A 257 3.57 4.70 -10.69
C LEU A 257 3.44 3.70 -9.58
N ILE A 258 2.90 4.13 -8.47
CA ILE A 258 2.74 3.31 -7.30
C ILE A 258 2.16 1.89 -7.48
N ASP A 259 1.20 1.70 -8.34
CA ASP A 259 0.65 0.40 -8.51
C ASP A 259 1.55 -0.47 -9.35
N ASP A 260 2.22 0.11 -10.31
CA ASP A 260 3.16 -0.58 -11.14
C ASP A 260 4.33 -1.08 -10.33
N MET A 261 4.77 -0.22 -9.42
CA MET A 261 5.89 -0.39 -8.54
C MET A 261 5.75 -1.49 -7.51
N VAL A 262 4.60 -1.60 -6.89
CA VAL A 262 4.42 -2.66 -5.92
C VAL A 262 4.38 -3.99 -6.61
N ALA A 263 4.01 -4.00 -7.86
CA ALA A 263 4.01 -5.21 -8.60
C ALA A 263 5.38 -5.57 -9.09
N GLN A 264 6.17 -4.55 -9.37
CA GLN A 264 7.52 -4.69 -9.81
C GLN A 264 8.34 -5.29 -8.72
N ALA A 265 8.03 -4.89 -7.50
CA ALA A 265 8.72 -5.32 -6.36
C ALA A 265 8.36 -6.73 -6.04
N MET A 266 7.12 -7.09 -6.22
CA MET A 266 6.68 -8.41 -6.00
C MET A 266 7.34 -9.42 -6.93
N LYS A 267 7.56 -9.07 -8.19
CA LYS A 267 8.20 -10.02 -9.06
C LYS A 267 9.68 -9.87 -9.25
N SER A 268 10.27 -8.99 -8.50
CA SER A 268 11.67 -8.71 -8.57
C SER A 268 12.49 -9.61 -7.75
N GLU A 269 13.79 -9.43 -7.88
CA GLU A 269 14.62 -10.19 -7.00
C GLU A 269 15.29 -9.33 -5.95
N GLY A 270 14.69 -8.19 -5.61
CA GLY A 270 15.30 -7.32 -4.61
C GLY A 270 16.54 -6.61 -5.15
N GLY A 271 17.29 -5.99 -4.27
CA GLY A 271 18.49 -5.31 -4.69
C GLY A 271 18.21 -3.92 -5.19
N PHE A 272 17.28 -3.20 -4.57
CA PHE A 272 17.02 -1.82 -4.94
C PHE A 272 16.59 -0.95 -3.80
N ILE A 273 16.60 0.35 -4.05
CA ILE A 273 16.19 1.34 -3.09
C ILE A 273 14.90 1.83 -3.63
N TRP A 274 13.93 1.96 -2.72
CA TRP A 274 12.59 2.38 -3.08
C TRP A 274 12.21 3.55 -2.25
N ALA A 275 12.17 4.72 -2.85
CA ALA A 275 11.74 5.93 -2.15
C ALA A 275 10.22 5.98 -2.17
N CYS A 276 9.63 6.10 -0.99
CA CYS A 276 8.19 6.11 -0.79
C CYS A 276 7.81 7.40 -0.14
N LYS A 277 6.68 7.88 -0.55
CA LYS A 277 6.01 8.98 0.06
C LYS A 277 5.51 8.40 1.40
N ASN A 278 5.49 9.23 2.44
CA ASN A 278 5.08 8.92 3.80
C ASN A 278 4.08 7.78 4.02
N TYR A 279 2.96 7.84 3.32
CA TYR A 279 1.95 6.85 3.44
C TYR A 279 2.34 5.52 2.84
N ASP A 280 2.91 5.53 1.66
CA ASP A 280 3.35 4.32 1.00
C ASP A 280 4.47 3.64 1.74
N GLY A 281 5.34 4.42 2.36
CA GLY A 281 6.42 3.92 3.16
C GLY A 281 5.93 3.18 4.36
N ASP A 282 4.88 3.66 4.97
CA ASP A 282 4.27 2.98 6.08
C ASP A 282 3.62 1.72 5.55
N VAL A 283 2.87 1.82 4.49
CA VAL A 283 2.20 0.67 4.00
C VAL A 283 3.13 -0.37 3.41
N GLN A 284 4.00 0.04 2.52
CA GLN A 284 4.88 -0.91 1.92
C GLN A 284 5.99 -1.46 2.75
N SER A 285 6.40 -0.83 3.83
CA SER A 285 7.47 -1.42 4.62
C SER A 285 7.03 -2.69 5.31
N ASP A 286 5.80 -2.68 5.75
CA ASP A 286 5.21 -3.79 6.42
C ASP A 286 5.01 -4.96 5.51
N SER A 287 4.58 -4.69 4.32
CA SER A 287 4.39 -5.67 3.30
C SER A 287 5.73 -6.30 2.93
N VAL A 288 6.75 -5.50 2.75
CA VAL A 288 8.09 -5.97 2.44
C VAL A 288 8.64 -6.77 3.61
N ALA A 289 8.52 -6.27 4.82
CA ALA A 289 9.00 -7.00 5.97
C ALA A 289 8.37 -8.38 6.08
N GLN A 290 7.06 -8.44 5.96
CA GLN A 290 6.35 -9.69 6.01
C GLN A 290 6.73 -10.60 4.86
N GLY A 291 7.01 -10.07 3.69
CA GLY A 291 7.43 -10.95 2.60
C GLY A 291 8.83 -11.59 2.75
N TYR A 292 9.71 -10.98 3.54
CA TYR A 292 11.05 -11.54 3.86
C TYR A 292 10.98 -12.63 4.92
N GLY A 293 9.82 -12.80 5.55
CA GLY A 293 9.56 -13.90 6.45
C GLY A 293 8.90 -13.52 7.79
N SER A 294 9.05 -12.26 8.21
CA SER A 294 8.55 -11.84 9.52
C SER A 294 8.44 -10.29 9.67
N LEU A 295 7.24 -9.79 9.90
CA LEU A 295 6.98 -8.38 10.12
C LEU A 295 7.92 -7.73 11.13
N GLY A 296 8.10 -8.35 12.26
CA GLY A 296 8.95 -7.79 13.25
C GLY A 296 10.43 -7.71 12.99
N MET A 297 10.92 -8.48 12.06
CA MET A 297 12.32 -8.51 11.75
C MET A 297 12.64 -7.37 10.75
N MET A 298 12.64 -6.16 11.23
CA MET A 298 12.82 -4.98 10.45
C MET A 298 13.64 -3.91 11.14
N THR A 299 14.59 -3.35 10.43
CA THR A 299 15.27 -2.17 10.90
C THR A 299 14.48 -0.95 10.48
N SER A 300 14.56 0.11 11.27
CA SER A 300 13.91 1.38 11.00
C SER A 300 14.68 2.55 11.55
N VAL A 301 15.38 3.25 10.68
CA VAL A 301 16.21 4.37 11.07
C VAL A 301 15.94 5.63 10.29
N LEU A 302 15.55 6.66 10.98
CA LEU A 302 15.31 7.93 10.39
C LEU A 302 16.61 8.72 10.33
N VAL A 303 16.93 9.22 9.16
CA VAL A 303 18.14 9.97 8.90
C VAL A 303 17.73 11.42 8.57
N CYS A 304 18.16 12.35 9.39
CA CYS A 304 17.81 13.71 9.21
C CYS A 304 18.56 14.38 8.10
N PRO A 305 18.02 15.47 7.62
CA PRO A 305 18.60 16.27 6.54
C PRO A 305 20.04 16.67 6.86
N ASP A 306 20.32 17.09 8.08
CA ASP A 306 21.70 17.42 8.46
C ASP A 306 22.78 16.40 8.18
N GLY A 307 22.50 15.11 8.24
CA GLY A 307 23.46 14.08 7.96
C GLY A 307 24.03 13.47 9.22
N LYS A 308 23.82 14.19 10.32
CA LYS A 308 24.33 13.83 11.61
C LYS A 308 23.33 13.17 12.54
N THR A 309 22.11 13.67 12.57
CA THR A 309 21.07 13.18 13.43
C THR A 309 20.35 11.93 12.94
N VAL A 310 20.13 11.03 13.87
CA VAL A 310 19.55 9.77 13.56
C VAL A 310 18.64 9.33 14.66
N GLU A 311 17.52 8.72 14.30
CA GLU A 311 16.60 8.13 15.26
C GLU A 311 16.27 6.72 14.86
N ALA A 312 16.75 5.77 15.64
CA ALA A 312 16.49 4.38 15.43
C ALA A 312 15.30 3.97 16.29
N GLU A 313 14.42 3.18 15.74
CA GLU A 313 13.23 2.80 16.43
C GLU A 313 12.83 1.36 16.23
N ALA A 314 12.09 0.82 17.17
CA ALA A 314 11.51 -0.50 17.02
C ALA A 314 10.16 -0.10 16.42
N ALA A 315 9.90 -0.47 15.19
CA ALA A 315 8.71 0.02 14.52
C ALA A 315 7.42 -0.76 14.62
N HIS A 316 7.49 -1.96 15.10
CA HIS A 316 6.33 -2.76 15.30
C HIS A 316 6.34 -3.04 16.74
N GLY A 317 5.22 -2.80 17.40
CA GLY A 317 5.29 -3.04 18.80
C GLY A 317 4.16 -2.99 19.73
N THR A 318 4.57 -3.02 20.99
CA THR A 318 3.81 -3.04 22.25
C THR A 318 3.34 -4.41 22.65
N VAL A 319 2.96 -5.24 21.68
CA VAL A 319 2.49 -6.60 21.77
C VAL A 319 1.69 -6.83 23.05
N THR A 320 0.50 -6.24 23.04
CA THR A 320 -0.47 -6.22 24.13
C THR A 320 -0.93 -7.52 24.71
N ARG A 321 -1.17 -8.53 23.90
CA ARG A 321 -1.60 -9.79 24.44
C ARG A 321 -0.49 -10.37 25.32
N HIS A 322 0.75 -10.27 24.90
CA HIS A 322 1.83 -10.78 25.73
C HIS A 322 2.03 -9.98 26.97
N TYR A 323 1.78 -8.70 26.92
CA TYR A 323 1.92 -7.83 28.05
C TYR A 323 0.95 -8.20 29.12
N ARG A 324 -0.26 -8.56 28.74
CA ARG A 324 -1.27 -8.98 29.68
C ARG A 324 -0.89 -10.29 30.34
N MET A 325 -0.19 -11.14 29.64
CA MET A 325 0.28 -12.38 30.21
C MET A 325 1.38 -12.08 31.20
N TYR A 326 2.27 -11.16 30.84
CA TYR A 326 3.43 -10.73 31.62
C TYR A 326 3.06 -10.08 32.94
N GLN A 327 1.94 -9.40 32.92
CA GLN A 327 1.39 -8.74 34.05
C GLN A 327 0.81 -9.75 35.03
N LYS A 328 0.37 -10.90 34.53
CA LYS A 328 -0.20 -11.95 35.31
C LYS A 328 0.86 -12.95 35.68
N GLY A 329 2.09 -12.71 35.31
CA GLY A 329 3.18 -13.70 35.57
C GLY A 329 3.31 -14.92 34.64
N GLN A 330 2.43 -15.04 33.66
CA GLN A 330 2.52 -16.10 32.68
C GLN A 330 3.69 -15.87 31.70
N GLU A 331 4.32 -16.97 31.26
CA GLU A 331 5.41 -16.98 30.27
C GLU A 331 4.93 -16.38 28.96
N THR A 332 5.84 -15.66 28.31
CA THR A 332 5.68 -15.09 26.96
C THR A 332 6.88 -15.56 26.19
N SER A 333 6.77 -15.58 24.87
CA SER A 333 7.91 -15.75 24.00
C SER A 333 7.95 -14.60 22.97
N THR A 334 8.40 -13.45 23.42
CA THR A 334 8.44 -12.23 22.65
C THR A 334 9.71 -11.95 21.95
N ASN A 335 9.64 -11.81 20.65
CA ASN A 335 10.79 -11.54 19.79
C ASN A 335 11.40 -10.17 20.08
N PRO A 336 12.64 -10.12 20.60
CA PRO A 336 13.29 -8.86 20.97
C PRO A 336 14.15 -8.22 19.87
N ILE A 337 14.21 -8.82 18.69
CA ILE A 337 15.20 -8.42 17.70
C ILE A 337 15.02 -6.99 17.21
N ALA A 338 13.80 -6.55 16.98
CA ALA A 338 13.60 -5.20 16.51
C ALA A 338 14.17 -4.20 17.47
N SER A 339 13.92 -4.44 18.76
CA SER A 339 14.34 -3.48 19.77
C SER A 339 15.87 -3.53 19.92
N ILE A 340 16.46 -4.73 19.89
CA ILE A 340 17.91 -4.88 19.85
C ILE A 340 18.57 -4.10 18.70
N PHE A 341 18.06 -4.26 17.48
CA PHE A 341 18.62 -3.57 16.34
C PHE A 341 18.36 -2.05 16.36
N ALA A 342 17.40 -1.57 17.11
CA ALA A 342 17.24 -0.16 17.22
C ALA A 342 18.44 0.31 18.04
N TRP A 343 18.78 -0.39 19.12
CA TRP A 343 19.97 -0.06 19.94
C TRP A 343 21.24 -0.17 19.08
N THR A 344 21.46 -1.33 18.45
CA THR A 344 22.70 -1.56 17.71
C THR A 344 22.85 -0.55 16.56
N ARG A 345 21.74 -0.12 15.95
CA ARG A 345 21.86 0.89 14.94
C ARG A 345 22.03 2.31 15.41
N GLY A 346 21.39 2.70 16.50
CA GLY A 346 21.68 4.02 17.11
C GLY A 346 23.13 4.07 17.61
N LEU A 347 23.63 2.96 18.15
CA LEU A 347 24.99 2.90 18.65
C LEU A 347 26.01 2.98 17.55
N ALA A 348 25.83 2.20 16.49
CA ALA A 348 26.74 2.26 15.34
C ALA A 348 26.86 3.69 14.81
N HIS A 349 25.74 4.42 14.81
CA HIS A 349 25.79 5.81 14.40
C HIS A 349 26.54 6.67 15.43
N ARG A 350 26.28 6.46 16.72
CA ARG A 350 27.02 7.14 17.76
C ARG A 350 28.53 6.88 17.52
N ALA A 351 28.87 5.62 17.30
CA ALA A 351 30.24 5.24 17.08
C ALA A 351 30.88 6.00 15.91
N LYS A 352 30.09 6.31 14.91
CA LYS A 352 30.56 6.99 13.71
C LYS A 352 30.79 8.47 13.96
N LEU A 353 29.88 9.14 14.65
CA LEU A 353 30.04 10.54 14.96
C LEU A 353 31.28 10.76 15.84
N ASP A 354 31.54 9.81 16.73
CA ASP A 354 32.59 9.90 17.71
C ASP A 354 33.86 9.14 17.31
N ASN A 355 34.00 8.60 16.11
CA ASN A 355 35.20 7.77 15.82
C ASN A 355 35.56 6.77 16.95
N ASN A 356 34.55 6.11 17.49
CA ASN A 356 34.68 5.21 18.62
C ASN A 356 34.64 3.82 18.04
N LYS A 357 35.81 3.25 17.80
CA LYS A 357 35.90 1.91 17.17
C LYS A 357 35.41 0.79 18.05
N GLU A 358 35.48 0.98 19.35
CA GLU A 358 35.07 -0.06 20.28
C GLU A 358 33.53 -0.21 20.23
N LEU A 359 32.83 0.92 20.28
CA LEU A 359 31.40 0.93 20.14
C LEU A 359 30.91 0.40 18.78
N ALA A 360 31.63 0.75 17.71
CA ALA A 360 31.24 0.27 16.39
C ALA A 360 31.31 -1.24 16.40
N PHE A 361 32.36 -1.74 17.03
CA PHE A 361 32.62 -3.16 17.07
C PHE A 361 31.54 -3.90 17.88
N PHE A 362 31.11 -3.29 18.98
CA PHE A 362 30.12 -3.87 19.84
C PHE A 362 28.74 -3.91 19.12
N ALA A 363 28.37 -2.79 18.52
CA ALA A 363 27.09 -2.69 17.85
C ALA A 363 26.97 -3.77 16.79
N ASN A 364 28.03 -3.90 16.00
CA ASN A 364 28.08 -4.90 14.95
C ASN A 364 28.12 -6.31 15.56
N ALA A 365 28.76 -6.47 16.70
CA ALA A 365 28.91 -7.81 17.28
C ALA A 365 27.57 -8.34 17.85
N LEU A 366 26.82 -7.43 18.45
CA LEU A 366 25.49 -7.76 18.95
C LEU A 366 24.55 -8.13 17.77
N GLU A 367 24.62 -7.37 16.67
CA GLU A 367 23.87 -7.75 15.50
C GLU A 367 24.20 -9.12 15.07
N GLU A 368 25.48 -9.43 14.92
CA GLU A 368 25.84 -10.77 14.38
C GLU A 368 25.54 -11.91 15.37
N VAL A 369 25.55 -11.62 16.65
CA VAL A 369 25.25 -12.58 17.68
C VAL A 369 23.79 -12.89 17.66
N SER A 370 22.97 -11.86 17.50
CA SER A 370 21.50 -12.00 17.36
C SER A 370 21.11 -12.99 16.26
N ILE A 371 21.63 -12.74 15.07
CA ILE A 371 21.42 -13.60 13.88
C ILE A 371 22.05 -14.98 13.99
N GLU A 372 23.25 -15.08 14.54
CA GLU A 372 23.88 -16.40 14.70
C GLU A 372 23.08 -17.28 15.65
N THR A 373 22.56 -16.71 16.69
CA THR A 373 21.75 -17.42 17.63
C THR A 373 20.51 -17.96 16.97
N ILE A 374 19.81 -17.15 16.19
CA ILE A 374 18.60 -17.63 15.52
C ILE A 374 18.95 -18.70 14.51
N GLU A 375 19.99 -18.43 13.75
CA GLU A 375 20.46 -19.36 12.72
C GLU A 375 20.94 -20.64 13.30
N ALA A 376 21.45 -20.59 14.51
CA ALA A 376 21.88 -21.77 15.22
C ALA A 376 20.72 -22.63 15.76
N GLY A 377 19.49 -22.10 15.78
CA GLY A 377 18.28 -22.85 16.14
C GLY A 377 17.62 -22.37 17.40
N PHE A 378 18.14 -21.31 18.04
CA PHE A 378 17.54 -20.80 19.27
C PHE A 378 16.74 -19.55 18.94
N MET A 379 15.43 -19.58 19.19
CA MET A 379 14.55 -18.52 18.72
C MET A 379 13.24 -18.47 19.44
N THR A 380 12.55 -17.34 19.35
CA THR A 380 11.28 -17.24 20.01
C THR A 380 10.16 -17.96 19.21
N LYS A 381 8.99 -18.09 19.79
CA LYS A 381 7.88 -18.85 19.20
C LYS A 381 7.39 -18.42 17.78
N ASP A 382 7.21 -17.11 17.58
CA ASP A 382 6.95 -16.52 16.24
C ASP A 382 7.90 -17.01 15.15
N LEU A 383 9.20 -17.10 15.45
CA LEU A 383 10.15 -17.51 14.40
C LEU A 383 10.17 -19.00 14.21
N ALA A 384 9.89 -19.77 15.24
CA ALA A 384 9.69 -21.20 15.08
C ALA A 384 8.47 -21.52 14.22
N ALA A 385 7.38 -20.74 14.41
CA ALA A 385 6.17 -20.88 13.58
C ALA A 385 6.45 -20.57 12.12
N CYS A 386 7.20 -19.51 11.81
CA CYS A 386 7.70 -19.31 10.43
C CYS A 386 8.34 -20.56 9.80
N ILE A 387 9.02 -21.39 10.59
CA ILE A 387 9.73 -22.59 10.03
C ILE A 387 8.78 -23.78 9.89
N LYS A 388 7.99 -24.03 10.92
CA LYS A 388 7.22 -25.25 11.07
C LYS A 388 5.72 -25.07 10.80
N GLY A 389 5.25 -23.83 10.74
CA GLY A 389 3.83 -23.50 10.87
C GLY A 389 3.46 -23.60 12.33
N LEU A 390 2.58 -22.69 12.78
CA LEU A 390 2.19 -22.55 14.20
C LEU A 390 1.60 -23.81 14.86
N PRO A 391 0.67 -24.52 14.18
CA PRO A 391 0.12 -25.71 14.84
C PRO A 391 1.10 -26.86 15.07
N ASN A 392 2.26 -26.84 14.43
CA ASN A 392 3.32 -27.86 14.65
C ASN A 392 4.40 -27.43 15.65
N VAL A 393 4.18 -26.33 16.35
CA VAL A 393 5.19 -25.79 17.22
C VAL A 393 4.92 -26.36 18.58
N GLN A 394 5.90 -27.12 19.07
CA GLN A 394 5.92 -27.60 20.46
C GLN A 394 6.74 -26.62 21.34
N ARG A 395 6.60 -26.76 22.64
CA ARG A 395 7.37 -26.01 23.57
C ARG A 395 8.86 -26.21 23.36
N SER A 396 9.33 -27.40 23.07
CA SER A 396 10.78 -27.57 22.89
C SER A 396 11.35 -26.86 21.64
N ASP A 397 10.51 -26.35 20.75
CA ASP A 397 10.99 -25.73 19.52
C ASP A 397 11.54 -24.28 19.67
N TYR A 398 11.27 -23.64 20.82
CA TYR A 398 11.52 -22.23 21.02
C TYR A 398 11.91 -21.93 22.48
N LEU A 399 12.22 -20.66 22.77
CA LEU A 399 12.63 -20.19 24.10
C LEU A 399 11.64 -19.10 24.54
N ASN A 400 11.31 -19.01 25.82
CA ASN A 400 10.46 -17.92 26.34
C ASN A 400 11.28 -16.59 26.25
N THR A 401 10.63 -15.49 26.58
CA THR A 401 11.27 -14.23 26.52
C THR A 401 12.66 -14.15 27.22
N PHE A 402 12.73 -14.56 28.50
CA PHE A 402 13.94 -14.39 29.35
C PHE A 402 14.96 -15.44 28.91
N GLU A 403 14.52 -16.68 28.69
CA GLU A 403 15.44 -17.70 28.17
C GLU A 403 16.24 -17.23 26.92
N PHE A 404 15.53 -16.66 25.95
CA PHE A 404 16.16 -16.17 24.72
C PHE A 404 17.17 -15.01 24.97
N MET A 405 16.78 -14.01 25.77
CA MET A 405 17.71 -12.98 26.20
C MET A 405 18.99 -13.55 26.84
N ASP A 406 18.85 -14.58 27.67
CA ASP A 406 20.00 -15.19 28.36
C ASP A 406 20.90 -15.86 27.35
N LYS A 407 20.30 -16.58 26.43
CA LYS A 407 21.04 -17.22 25.41
C LYS A 407 21.80 -16.22 24.58
N LEU A 408 21.20 -15.07 24.32
CA LEU A 408 21.86 -14.03 23.56
C LEU A 408 22.97 -13.42 24.36
N GLY A 409 22.78 -13.32 25.65
CA GLY A 409 23.76 -12.81 26.55
C GLY A 409 24.98 -13.67 26.64
N GLU A 410 24.82 -14.98 26.71
CA GLU A 410 26.00 -15.80 26.77
C GLU A 410 26.68 -15.87 25.42
N ASN A 411 25.93 -15.76 24.35
CA ASN A 411 26.56 -15.80 23.05
C ASN A 411 27.31 -14.52 22.78
N LEU A 412 26.82 -13.42 23.32
CA LEU A 412 27.45 -12.14 23.17
C LEU A 412 28.71 -12.06 23.96
N LYS A 413 28.70 -12.61 25.15
CA LYS A 413 29.84 -12.64 26.03
C LYS A 413 31.02 -13.31 25.40
N ILE A 414 30.75 -14.43 24.78
CA ILE A 414 31.74 -15.16 24.09
C ILE A 414 32.33 -14.33 22.98
N LYS A 415 31.52 -13.80 22.10
CA LYS A 415 32.00 -12.99 21.00
C LYS A 415 32.85 -11.83 21.46
N LEU A 416 32.43 -11.17 22.51
CA LEU A 416 33.17 -10.01 23.01
C LEU A 416 34.51 -10.43 23.63
N ALA A 417 34.59 -11.63 24.22
CA ALA A 417 35.86 -12.17 24.71
C ALA A 417 36.92 -12.32 23.61
N GLN A 418 36.55 -12.85 22.45
CA GLN A 418 37.53 -13.32 21.45
C GLN A 418 38.07 -12.27 20.45
N ASN B 1 -45.45 -6.41 -40.40
CA ASN B 1 -44.46 -7.28 -41.06
C ASN B 1 -43.63 -8.14 -40.07
N LEU B 2 -43.55 -7.78 -38.77
CA LEU B 2 -42.74 -8.57 -37.81
C LEU B 2 -43.25 -10.02 -37.62
N TYR B 3 -44.56 -10.17 -37.57
CA TYR B 3 -45.18 -11.49 -37.58
C TYR B 3 -44.79 -12.43 -38.77
N PHE B 4 -44.51 -11.86 -39.94
CA PHE B 4 -44.33 -12.66 -41.17
C PHE B 4 -42.89 -13.12 -41.47
N GLN B 5 -41.94 -12.29 -41.11
CA GLN B 5 -40.51 -12.66 -41.17
C GLN B 5 -40.10 -13.46 -39.92
N SER B 6 -39.48 -14.62 -40.09
CA SER B 6 -38.69 -15.27 -39.03
C SER B 6 -37.21 -14.97 -39.35
N MET B 7 -36.78 -13.77 -38.95
CA MET B 7 -35.39 -13.31 -39.16
C MET B 7 -34.60 -13.33 -37.83
N MET B 8 -34.84 -14.37 -37.01
CA MET B 8 -34.19 -14.57 -35.69
C MET B 8 -32.85 -15.34 -35.86
N SER B 9 -31.79 -14.83 -35.21
CA SER B 9 -30.41 -15.30 -35.43
C SER B 9 -30.19 -16.75 -35.00
N LYS B 10 -29.38 -17.50 -35.76
CA LYS B 10 -28.81 -18.79 -35.34
C LYS B 10 -27.76 -18.68 -34.14
N LYS B 11 -27.31 -17.47 -33.83
CA LYS B 11 -26.44 -17.20 -32.67
C LYS B 11 -27.26 -16.98 -31.40
N ILE B 12 -26.56 -17.02 -30.26
CA ILE B 12 -27.11 -16.74 -28.96
C ILE B 12 -27.50 -15.29 -28.92
N SER B 13 -28.65 -15.01 -28.30
CA SER B 13 -29.13 -13.64 -28.31
C SER B 13 -28.51 -12.95 -27.14
N GLY B 14 -27.52 -12.11 -27.38
CA GLY B 14 -26.72 -11.57 -26.30
C GLY B 14 -27.29 -10.36 -25.58
N GLY B 15 -28.05 -9.53 -26.25
CA GLY B 15 -28.64 -8.41 -25.59
C GLY B 15 -27.81 -7.16 -25.66
N SER B 16 -28.10 -6.24 -24.77
CA SER B 16 -27.58 -4.90 -24.84
C SER B 16 -26.25 -4.81 -24.06
N VAL B 17 -25.20 -4.33 -24.71
CA VAL B 17 -23.92 -4.13 -24.06
C VAL B 17 -23.32 -2.84 -24.51
N VAL B 18 -22.78 -2.06 -23.59
CA VAL B 18 -21.93 -0.91 -23.90
C VAL B 18 -20.44 -1.34 -23.88
N GLU B 19 -19.75 -1.12 -24.99
CA GLU B 19 -18.34 -1.40 -25.17
C GLU B 19 -17.59 -0.09 -25.19
N MET B 20 -16.39 -0.06 -24.60
CA MET B 20 -15.45 1.08 -24.65
C MET B 20 -14.12 0.62 -25.20
N GLN B 21 -13.78 1.08 -26.39
CA GLN B 21 -12.55 0.60 -27.09
C GLN B 21 -11.41 1.37 -26.48
N GLY B 22 -10.25 0.74 -26.44
CA GLY B 22 -9.14 1.32 -25.71
C GLY B 22 -7.95 1.63 -26.55
N ASP B 23 -6.77 1.45 -25.96
CA ASP B 23 -5.52 1.89 -26.53
C ASP B 23 -4.47 0.83 -26.84
N GLU B 24 -3.51 1.20 -27.71
CA GLU B 24 -2.28 0.45 -27.90
C GLU B 24 -2.62 -0.99 -28.38
N MET B 25 -1.89 -1.93 -27.86
CA MET B 25 -2.01 -3.30 -28.25
C MET B 25 -3.26 -3.98 -27.78
N THR B 26 -3.78 -3.53 -26.66
CA THR B 26 -4.99 -4.04 -26.09
C THR B 26 -6.19 -3.78 -26.99
N ARG B 27 -6.18 -2.71 -27.75
CA ARG B 27 -7.24 -2.40 -28.66
C ARG B 27 -7.24 -3.38 -29.79
N ILE B 28 -6.06 -3.73 -30.22
CA ILE B 28 -5.90 -4.68 -31.27
C ILE B 28 -6.40 -6.06 -30.87
N ILE B 29 -6.05 -6.49 -29.69
CA ILE B 29 -6.44 -7.77 -29.16
C ILE B 29 -7.93 -7.87 -28.91
N TRP B 30 -8.50 -6.77 -28.51
CA TRP B 30 -9.91 -6.58 -28.25
C TRP B 30 -10.72 -6.98 -29.46
N GLU B 31 -10.32 -6.51 -30.62
CA GLU B 31 -10.93 -6.80 -31.89
C GLU B 31 -10.81 -8.22 -32.29
N LEU B 32 -9.68 -8.82 -31.96
CA LEU B 32 -9.44 -10.19 -32.26
C LEU B 32 -10.29 -11.07 -31.41
N ILE B 33 -10.52 -10.66 -30.19
CA ILE B 33 -11.37 -11.34 -29.29
C ILE B 33 -12.78 -11.22 -29.85
N LYS B 34 -13.20 -10.04 -30.26
CA LYS B 34 -14.50 -9.87 -30.79
C LYS B 34 -14.75 -10.73 -32.02
N GLU B 35 -13.81 -10.69 -32.96
CA GLU B 35 -13.97 -11.41 -34.21
C GLU B 35 -13.86 -12.95 -34.06
N LYS B 36 -13.02 -13.48 -33.18
CA LYS B 36 -12.77 -14.93 -33.11
C LYS B 36 -13.49 -15.70 -32.00
N LEU B 37 -13.82 -15.01 -30.91
CA LEU B 37 -14.35 -15.65 -29.74
C LEU B 37 -15.77 -15.26 -29.40
N ILE B 38 -16.18 -14.02 -29.65
CA ILE B 38 -17.54 -13.55 -29.27
C ILE B 38 -18.53 -13.60 -30.45
N PHE B 39 -18.34 -12.73 -31.46
CA PHE B 39 -19.32 -12.48 -32.53
C PHE B 39 -19.74 -13.69 -33.38
N PRO B 40 -18.87 -14.71 -33.56
CA PRO B 40 -19.30 -15.88 -34.31
C PRO B 40 -20.43 -16.67 -33.66
N TYR B 41 -20.60 -16.47 -32.35
CA TYR B 41 -21.47 -17.23 -31.47
C TYR B 41 -22.58 -16.39 -30.82
N VAL B 42 -22.42 -15.04 -30.79
CA VAL B 42 -23.33 -14.14 -30.04
C VAL B 42 -23.66 -12.86 -30.84
N GLU B 43 -24.94 -12.62 -30.99
CA GLU B 43 -25.39 -11.40 -31.58
C GLU B 43 -25.60 -10.47 -30.41
N LEU B 44 -25.27 -9.22 -30.57
CA LEU B 44 -25.34 -8.28 -29.50
C LEU B 44 -25.93 -7.02 -30.06
N ASP B 45 -26.61 -6.25 -29.21
CA ASP B 45 -26.94 -4.89 -29.53
C ASP B 45 -25.79 -4.04 -28.89
N LEU B 46 -24.66 -3.92 -29.60
CA LEU B 46 -23.49 -3.20 -29.09
C LEU B 46 -23.67 -1.74 -29.24
N HIS B 47 -23.45 -0.97 -28.19
CA HIS B 47 -23.22 0.44 -28.32
C HIS B 47 -21.76 0.67 -28.02
N SER B 48 -21.05 1.27 -28.97
CA SER B 48 -19.61 1.34 -28.95
C SER B 48 -19.11 2.74 -28.84
N TYR B 49 -18.24 2.95 -27.89
CA TYR B 49 -17.66 4.24 -27.70
C TYR B 49 -16.18 3.97 -27.82
N ASP B 50 -15.52 4.83 -28.55
CA ASP B 50 -14.13 4.71 -28.76
C ASP B 50 -13.45 5.61 -27.69
N LEU B 51 -12.82 4.98 -26.69
CA LEU B 51 -12.16 5.67 -25.61
C LEU B 51 -10.69 5.63 -25.82
N GLY B 52 -10.26 5.25 -27.01
CA GLY B 52 -8.89 5.44 -27.38
C GLY B 52 -8.52 6.88 -27.17
N ILE B 53 -7.25 7.11 -26.94
CA ILE B 53 -6.79 8.42 -26.53
C ILE B 53 -7.13 9.40 -27.62
N GLU B 54 -7.07 8.93 -28.85
CA GLU B 54 -7.11 9.79 -29.99
C GLU B 54 -8.55 10.27 -30.23
N ASN B 55 -9.53 9.48 -29.88
CA ASN B 55 -10.90 9.90 -30.00
C ASN B 55 -11.33 10.79 -28.83
N ARG B 56 -10.66 10.63 -27.68
CA ARG B 56 -10.93 11.44 -26.51
C ARG B 56 -10.38 12.80 -26.82
N ASP B 57 -9.19 12.89 -27.35
CA ASP B 57 -8.70 14.17 -27.84
C ASP B 57 -9.71 14.84 -28.82
N ALA B 58 -10.20 14.10 -29.80
CA ALA B 58 -11.09 14.69 -30.80
C ALA B 58 -12.39 15.23 -30.19
N THR B 59 -12.95 14.52 -29.19
CA THR B 59 -14.21 14.88 -28.56
C THR B 59 -14.08 15.59 -27.22
N ASN B 60 -12.96 16.28 -27.01
CA ASN B 60 -12.62 16.93 -25.71
C ASN B 60 -13.00 16.14 -24.44
N ASP B 61 -12.75 14.85 -24.49
CA ASP B 61 -13.11 13.88 -23.44
C ASP B 61 -14.60 13.64 -23.27
N GLN B 62 -15.45 14.22 -24.12
CA GLN B 62 -16.89 14.00 -23.99
C GLN B 62 -17.28 12.53 -24.15
N VAL B 63 -16.60 11.79 -25.02
CA VAL B 63 -17.01 10.39 -25.31
C VAL B 63 -17.01 9.54 -24.04
N THR B 64 -16.09 9.87 -23.13
CA THR B 64 -15.93 9.19 -21.84
C THR B 64 -17.15 9.35 -20.97
N LYS B 65 -17.57 10.61 -20.78
CA LYS B 65 -18.82 10.90 -20.08
C LYS B 65 -20.01 10.24 -20.74
N ASP B 66 -20.08 10.21 -22.09
CA ASP B 66 -21.25 9.57 -22.78
C ASP B 66 -21.20 8.09 -22.58
N ALA B 67 -19.99 7.52 -22.63
CA ALA B 67 -19.85 6.06 -22.44
C ALA B 67 -20.39 5.70 -21.06
N ALA B 68 -20.06 6.56 -20.08
CA ALA B 68 -20.49 6.33 -18.72
C ALA B 68 -22.03 6.37 -18.55
N GLU B 69 -22.66 7.44 -19.06
CA GLU B 69 -24.16 7.53 -19.14
C GLU B 69 -24.79 6.35 -19.86
N ALA B 70 -24.16 5.85 -20.92
CA ALA B 70 -24.73 4.68 -21.62
C ALA B 70 -24.72 3.43 -20.78
N ILE B 71 -23.73 3.33 -19.91
CA ILE B 71 -23.66 2.24 -18.94
C ILE B 71 -24.79 2.38 -17.89
N LYS B 72 -25.07 3.58 -17.42
CA LYS B 72 -26.21 3.79 -16.48
C LYS B 72 -27.45 3.20 -17.13
N LYS B 73 -27.69 3.62 -18.39
CA LYS B 73 -28.84 3.21 -19.18
C LYS B 73 -28.92 1.71 -19.48
N HIS B 74 -27.88 1.10 -20.05
CA HIS B 74 -28.04 -0.29 -20.54
C HIS B 74 -27.59 -1.33 -19.55
N ASN B 75 -26.97 -0.90 -18.42
CA ASN B 75 -26.56 -1.74 -17.29
C ASN B 75 -25.29 -2.61 -17.46
N VAL B 76 -24.68 -2.69 -18.66
CA VAL B 76 -23.42 -3.43 -18.76
C VAL B 76 -22.39 -2.76 -19.65
N GLY B 77 -21.23 -2.51 -19.04
CA GLY B 77 -20.05 -1.93 -19.69
C GLY B 77 -19.02 -3.02 -19.76
N VAL B 78 -18.33 -3.09 -20.88
CA VAL B 78 -17.11 -3.86 -20.97
C VAL B 78 -16.08 -2.89 -21.58
N LYS B 79 -14.99 -2.63 -20.84
CA LYS B 79 -14.01 -1.64 -21.22
C LYS B 79 -12.62 -2.24 -21.44
N CYS B 80 -12.02 -1.86 -22.55
CA CYS B 80 -10.62 -2.07 -22.84
C CYS B 80 -9.76 -1.09 -22.11
N ALA B 81 -8.57 -1.54 -21.78
CA ALA B 81 -7.53 -0.70 -21.11
C ALA B 81 -7.21 0.55 -21.91
N THR B 82 -7.05 1.67 -21.23
CA THR B 82 -6.79 2.96 -21.86
C THR B 82 -5.61 3.63 -21.24
N ILE B 83 -5.08 4.59 -21.98
CA ILE B 83 -4.02 5.49 -21.51
C ILE B 83 -4.56 6.66 -20.73
N THR B 84 -3.92 7.01 -19.62
CA THR B 84 -4.17 8.25 -18.92
C THR B 84 -2.89 9.00 -19.26
N PRO B 85 -2.96 10.03 -20.10
CA PRO B 85 -1.74 10.66 -20.56
C PRO B 85 -0.97 11.57 -19.67
N ASP B 86 0.32 11.37 -19.74
CA ASP B 86 1.24 12.21 -19.05
C ASP B 86 1.85 13.13 -20.07
N GLU B 87 2.64 14.04 -19.55
CA GLU B 87 3.43 15.04 -20.24
C GLU B 87 3.96 14.59 -21.61
N LYS B 88 4.67 13.48 -21.59
CA LYS B 88 5.23 12.89 -22.76
C LYS B 88 4.25 12.26 -23.71
N ARG B 89 3.06 11.86 -23.25
CA ARG B 89 2.10 11.29 -24.17
C ARG B 89 1.42 12.37 -24.93
N VAL B 90 1.34 13.56 -24.33
CA VAL B 90 0.73 14.72 -24.95
C VAL B 90 1.56 15.17 -26.11
N GLU B 91 2.86 15.07 -25.98
CA GLU B 91 3.73 15.43 -27.03
C GLU B 91 3.74 14.36 -28.08
N GLU B 92 3.94 13.11 -27.67
CA GLU B 92 3.96 11.96 -28.59
C GLU B 92 2.70 11.97 -29.46
N PHE B 93 1.52 11.95 -28.86
CA PHE B 93 0.28 11.86 -29.62
C PHE B 93 -0.31 13.21 -30.07
N LYS B 94 0.49 14.28 -30.00
CA LYS B 94 0.04 15.65 -30.38
C LYS B 94 -1.34 15.98 -29.87
N LEU B 95 -1.54 15.82 -28.58
CA LEU B 95 -2.83 16.00 -27.93
C LEU B 95 -3.05 17.42 -27.48
N LYS B 96 -4.31 17.79 -27.27
CA LYS B 96 -4.69 19.14 -26.90
C LYS B 96 -4.23 19.45 -25.48
N GLN B 97 -4.50 18.51 -24.56
CA GLN B 97 -4.09 18.62 -23.16
C GLN B 97 -4.07 17.25 -22.46
N MET B 98 -3.69 17.24 -21.19
CA MET B 98 -3.61 16.03 -20.41
C MET B 98 -4.93 15.56 -19.88
N TRP B 99 -5.62 14.79 -20.68
CA TRP B 99 -6.93 14.28 -20.36
C TRP B 99 -6.88 13.47 -19.05
N LYS B 100 -7.73 13.84 -18.11
CA LYS B 100 -7.80 13.15 -16.82
C LYS B 100 -8.19 11.68 -17.04
N SER B 101 -7.85 10.84 -16.08
CA SER B 101 -8.15 9.44 -16.13
C SER B 101 -9.57 9.12 -16.55
N PRO B 102 -9.72 8.42 -17.68
CA PRO B 102 -11.08 8.02 -18.07
C PRO B 102 -11.74 7.09 -17.07
N ASN B 103 -11.00 6.23 -16.39
CA ASN B 103 -11.56 5.36 -15.41
C ASN B 103 -12.05 6.17 -14.23
N GLY B 104 -11.37 7.24 -13.89
CA GLY B 104 -11.77 8.09 -12.81
C GLY B 104 -13.12 8.69 -13.09
N THR B 105 -13.25 9.27 -14.26
CA THR B 105 -14.48 9.84 -14.80
C THR B 105 -15.65 8.85 -14.82
N ILE B 106 -15.39 7.64 -15.31
CA ILE B 106 -16.44 6.62 -15.40
C ILE B 106 -16.90 6.21 -14.00
N ARG B 107 -15.95 5.99 -13.12
CA ARG B 107 -16.21 5.59 -11.76
C ARG B 107 -16.85 6.69 -10.92
N ASN B 108 -16.47 7.93 -11.14
CA ASN B 108 -17.10 9.02 -10.44
C ASN B 108 -18.58 9.02 -10.76
N ILE B 109 -18.89 8.81 -12.03
CA ILE B 109 -20.26 8.89 -12.51
C ILE B 109 -21.05 7.70 -12.01
N LEU B 110 -20.61 6.52 -12.30
CA LEU B 110 -21.33 5.34 -11.96
C LEU B 110 -21.37 4.99 -10.51
N GLY B 111 -20.25 5.12 -9.83
CA GLY B 111 -20.17 4.75 -8.44
C GLY B 111 -20.05 3.27 -8.16
N GLY B 112 -19.93 2.90 -6.91
CA GLY B 112 -19.80 1.50 -6.59
C GLY B 112 -18.48 1.03 -6.01
N THR B 113 -18.23 -0.26 -6.17
CA THR B 113 -17.12 -0.97 -5.63
C THR B 113 -16.52 -1.82 -6.77
N VAL B 114 -15.21 -1.73 -6.94
CA VAL B 114 -14.54 -2.46 -7.96
C VAL B 114 -13.95 -3.71 -7.36
N PHE B 115 -14.50 -4.86 -7.74
CA PHE B 115 -14.03 -6.16 -7.25
C PHE B 115 -12.97 -6.74 -8.18
N ARG B 116 -11.79 -6.99 -7.66
CA ARG B 116 -10.68 -7.50 -8.42
C ARG B 116 -10.18 -8.78 -7.80
N GLU B 117 -9.73 -9.72 -8.61
CA GLU B 117 -9.29 -11.02 -8.13
C GLU B 117 -8.45 -11.67 -9.21
N ALA B 118 -7.45 -12.44 -8.82
CA ALA B 118 -6.62 -13.22 -9.76
C ALA B 118 -7.39 -14.18 -10.66
N ILE B 119 -6.82 -14.50 -11.82
CA ILE B 119 -7.32 -15.53 -12.70
C ILE B 119 -6.26 -16.62 -12.59
N ILE B 120 -6.60 -17.73 -11.95
CA ILE B 120 -5.61 -18.73 -11.53
C ILE B 120 -5.49 -19.84 -12.54
N CYS B 121 -4.25 -20.15 -12.89
CA CYS B 121 -3.96 -21.31 -13.73
C CYS B 121 -3.04 -22.20 -12.96
N LYS B 122 -3.41 -23.46 -12.78
CA LYS B 122 -2.59 -24.46 -12.06
C LYS B 122 -1.08 -24.47 -12.38
N ASN B 123 -0.69 -24.18 -13.60
CA ASN B 123 0.74 -24.25 -13.99
C ASN B 123 1.50 -22.89 -13.93
N ILE B 124 0.83 -21.81 -13.56
CA ILE B 124 1.50 -20.49 -13.51
C ILE B 124 1.81 -20.29 -12.02
N PRO B 125 3.08 -20.40 -11.62
CA PRO B 125 3.39 -20.41 -10.21
C PRO B 125 3.14 -19.07 -9.51
N ARG B 126 2.65 -19.16 -8.28
CA ARG B 126 2.54 -18.03 -7.38
C ARG B 126 3.90 -17.59 -6.93
N LEU B 127 3.98 -16.30 -6.65
CA LEU B 127 5.12 -15.65 -6.03
C LEU B 127 4.98 -15.63 -4.53
N VAL B 128 3.75 -15.70 -4.02
CA VAL B 128 3.54 -15.84 -2.56
C VAL B 128 3.12 -17.28 -2.20
N SER B 129 3.86 -17.88 -1.28
CA SER B 129 3.88 -19.34 -1.08
C SER B 129 2.52 -19.78 -0.56
N GLY B 130 2.05 -19.11 0.48
CA GLY B 130 0.88 -19.57 1.17
C GLY B 130 -0.48 -19.30 0.56
N TRP B 131 -0.56 -18.67 -0.63
CA TRP B 131 -1.86 -18.18 -1.14
C TRP B 131 -2.65 -19.26 -1.88
N VAL B 132 -3.10 -20.28 -1.15
CA VAL B 132 -3.71 -21.46 -1.81
C VAL B 132 -5.15 -21.24 -2.23
N LYS B 133 -5.78 -20.15 -1.77
CA LYS B 133 -7.12 -19.74 -2.13
C LYS B 133 -7.06 -18.28 -2.54
N PRO B 134 -8.12 -17.77 -3.22
CA PRO B 134 -8.07 -16.38 -3.76
C PRO B 134 -8.28 -15.35 -2.73
N ILE B 135 -7.84 -14.15 -3.03
CA ILE B 135 -8.09 -13.00 -2.23
C ILE B 135 -8.86 -12.06 -3.15
N ILE B 136 -9.98 -11.52 -2.69
CA ILE B 136 -10.83 -10.64 -3.48
C ILE B 136 -10.78 -9.28 -2.88
N ILE B 137 -10.36 -8.26 -3.63
CA ILE B 137 -10.35 -6.90 -3.14
C ILE B 137 -11.63 -6.22 -3.63
N GLY B 138 -12.30 -5.45 -2.76
CA GLY B 138 -13.35 -4.58 -3.13
C GLY B 138 -12.84 -3.17 -3.00
N ARG B 139 -12.51 -2.57 -4.11
CA ARG B 139 -11.98 -1.25 -4.13
C ARG B 139 -13.09 -0.25 -4.17
N HIS B 140 -13.11 0.63 -3.20
CA HIS B 140 -14.15 1.66 -3.20
C HIS B 140 -13.85 2.53 -4.40
N ALA B 141 -14.85 2.74 -5.28
CA ALA B 141 -14.63 3.38 -6.59
C ALA B 141 -14.75 4.88 -6.65
N TYR B 142 -15.00 5.53 -5.52
CA TYR B 142 -15.45 6.91 -5.49
C TYR B 142 -14.63 7.67 -4.54
N GLY B 143 -14.26 8.88 -4.95
CA GLY B 143 -13.67 9.86 -4.09
C GLY B 143 -12.18 9.73 -3.87
N ASP B 144 -11.78 10.30 -2.73
CA ASP B 144 -10.45 10.33 -2.22
C ASP B 144 -9.55 10.92 -3.33
N GLN B 145 -8.42 10.27 -3.61
CA GLN B 145 -7.37 10.83 -4.48
C GLN B 145 -7.86 11.01 -5.92
N TYR B 146 -8.91 10.30 -6.27
CA TYR B 146 -9.50 10.34 -7.60
C TYR B 146 -10.44 11.49 -7.93
N ARG B 147 -10.83 12.27 -6.93
CA ARG B 147 -11.63 13.50 -7.09
C ARG B 147 -11.08 14.58 -6.14
N ALA B 148 -9.78 14.70 -6.11
CA ALA B 148 -9.13 15.64 -5.23
C ALA B 148 -8.87 16.91 -6.03
N THR B 149 -8.41 17.93 -5.28
CA THR B 149 -8.02 19.18 -5.82
C THR B 149 -6.69 19.49 -5.24
N ASP B 150 -5.66 19.43 -6.07
CA ASP B 150 -4.30 19.55 -5.65
C ASP B 150 -3.63 20.66 -6.45
N PHE B 151 -2.65 21.32 -5.83
CA PHE B 151 -1.96 22.45 -6.45
C PHE B 151 -0.60 22.70 -5.90
N VAL B 152 0.19 23.43 -6.67
CA VAL B 152 1.51 23.90 -6.22
C VAL B 152 1.35 25.12 -5.29
N VAL B 153 2.22 25.22 -4.29
CA VAL B 153 2.24 26.34 -3.39
C VAL B 153 3.51 27.04 -3.83
N PRO B 154 3.38 28.25 -4.42
CA PRO B 154 4.55 28.90 -5.06
C PRO B 154 5.50 29.46 -4.07
N GLY B 155 4.99 29.91 -2.93
CA GLY B 155 5.83 30.54 -1.91
C GLY B 155 5.15 30.64 -0.56
N PRO B 156 5.76 31.41 0.37
CA PRO B 156 5.23 31.63 1.71
C PRO B 156 3.78 32.01 1.68
N GLY B 157 3.01 31.57 2.67
CA GLY B 157 1.58 31.89 2.74
C GLY B 157 0.78 30.78 3.39
N LYS B 158 -0.51 31.00 3.64
CA LYS B 158 -1.27 30.08 4.43
C LYS B 158 -2.30 29.34 3.59
N VAL B 159 -2.21 28.01 3.62
CA VAL B 159 -3.24 27.18 3.06
C VAL B 159 -4.21 26.90 4.17
N GLU B 160 -5.50 27.15 3.93
CA GLU B 160 -6.59 26.83 4.86
C GLU B 160 -7.63 26.02 4.18
N ILE B 161 -8.47 25.34 4.94
CA ILE B 161 -9.55 24.53 4.37
C ILE B 161 -10.78 24.85 5.17
N THR B 162 -11.93 24.99 4.52
CA THR B 162 -13.11 25.57 5.20
C THR B 162 -14.36 24.83 4.79
N TYR B 163 -15.41 25.01 5.57
CA TYR B 163 -16.68 24.39 5.32
C TYR B 163 -17.74 25.42 5.63
N THR B 164 -18.59 25.68 4.67
CA THR B 164 -19.65 26.68 4.76
C THR B 164 -20.94 25.88 4.66
N PRO B 165 -21.68 25.78 5.75
CA PRO B 165 -22.88 24.97 5.67
C PRO B 165 -23.94 25.51 4.75
N SER B 166 -24.76 24.60 4.22
CA SER B 166 -25.85 24.90 3.32
C SER B 166 -26.78 25.93 3.92
N ASP B 167 -27.12 25.75 5.20
CA ASP B 167 -27.93 26.70 5.91
C ASP B 167 -27.20 27.96 6.39
N GLY B 168 -27.50 28.41 7.58
CA GLY B 168 -26.94 29.65 8.04
C GLY B 168 -25.71 29.62 8.88
N THR B 169 -25.54 28.53 9.61
CA THR B 169 -24.43 28.26 10.51
C THR B 169 -23.12 28.69 9.94
N GLN B 170 -22.34 29.41 10.70
CA GLN B 170 -21.12 29.91 10.11
C GLN B 170 -20.04 28.92 9.77
N LYS B 171 -19.13 29.43 8.99
CA LYS B 171 -17.97 28.78 8.48
C LYS B 171 -17.07 28.20 9.53
N VAL B 172 -16.37 27.16 9.12
CA VAL B 172 -15.37 26.58 9.94
C VAL B 172 -14.15 26.71 9.07
N THR B 173 -13.13 27.37 9.54
CA THR B 173 -11.88 27.48 8.81
C THR B 173 -10.83 26.70 9.62
N TYR B 174 -9.99 25.91 8.95
CA TYR B 174 -8.92 25.16 9.61
C TYR B 174 -7.62 25.47 8.92
N LEU B 175 -6.60 25.83 9.66
CA LEU B 175 -5.27 25.94 9.08
C LEU B 175 -4.84 24.52 8.56
N VAL B 176 -4.20 24.49 7.39
CA VAL B 176 -3.64 23.26 6.87
C VAL B 176 -2.14 23.38 7.08
N HIS B 177 -1.58 24.49 6.62
CA HIS B 177 -0.22 24.81 6.92
C HIS B 177 0.09 26.29 6.60
N ASN B 178 1.07 26.82 7.32
CA ASN B 178 1.60 28.11 7.08
C ASN B 178 3.00 27.92 6.53
N PHE B 179 3.14 28.15 5.25
CA PHE B 179 4.43 28.06 4.60
C PHE B 179 5.07 29.40 4.89
N GLU B 180 6.16 29.40 5.62
CA GLU B 180 7.02 30.58 5.77
C GLU B 180 8.43 30.27 5.32
N GLU B 181 8.65 29.00 5.03
CA GLU B 181 9.94 28.40 4.79
C GLU B 181 10.17 28.79 3.31
N GLY B 182 9.38 28.20 2.40
CA GLY B 182 9.44 28.45 0.96
C GLY B 182 8.07 28.06 0.37
N GLY B 183 8.04 27.19 -0.65
CA GLY B 183 6.76 26.64 -1.13
C GLY B 183 6.57 25.13 -0.93
N GLY B 184 5.58 24.59 -1.63
CA GLY B 184 5.39 23.19 -1.71
C GLY B 184 4.19 22.75 -2.49
N VAL B 185 3.40 21.85 -1.89
CA VAL B 185 2.18 21.36 -2.50
C VAL B 185 1.10 21.27 -1.45
N ALA B 186 -0.14 21.16 -1.91
CA ALA B 186 -1.27 21.08 -1.00
C ALA B 186 -2.39 20.47 -1.75
N MET B 187 -3.26 19.76 -1.06
CA MET B 187 -4.39 19.14 -1.68
C MET B 187 -5.50 19.09 -0.69
N GLY B 188 -6.74 19.09 -1.19
CA GLY B 188 -7.92 18.77 -0.42
C GLY B 188 -8.65 17.61 -1.06
N MET B 189 -9.32 16.79 -0.24
CA MET B 189 -10.04 15.66 -0.76
C MET B 189 -11.20 15.29 0.15
N TYR B 190 -12.07 14.39 -0.29
CA TYR B 190 -13.33 14.17 0.34
C TYR B 190 -13.93 12.83 -0.08
N ASN B 191 -14.90 12.39 0.67
CA ASN B 191 -15.76 11.31 0.26
C ASN B 191 -17.14 11.60 0.88
N GLN B 192 -18.08 10.68 0.81
CA GLN B 192 -19.48 11.03 1.04
C GLN B 192 -20.15 9.83 1.66
N ASP B 193 -21.10 10.09 2.57
CA ASP B 193 -21.62 9.02 3.42
C ASP B 193 -22.34 7.92 2.65
N LYS B 194 -23.12 8.34 1.67
CA LYS B 194 -23.95 7.39 0.93
C LYS B 194 -23.02 6.41 0.15
N SER B 195 -21.98 6.96 -0.50
CA SER B 195 -20.96 6.17 -1.24
C SER B 195 -20.27 5.16 -0.31
N ILE B 196 -19.92 5.65 0.85
CA ILE B 196 -19.32 4.79 1.88
C ILE B 196 -20.29 3.74 2.35
N GLU B 197 -21.50 4.15 2.60
CA GLU B 197 -22.51 3.21 2.98
C GLU B 197 -22.68 2.14 1.92
N ASP B 198 -22.66 2.52 0.65
CA ASP B 198 -22.79 1.57 -0.41
C ASP B 198 -21.61 0.66 -0.48
N PHE B 199 -20.43 1.22 -0.30
CA PHE B 199 -19.17 0.50 -0.27
C PHE B 199 -19.26 -0.63 0.70
N ALA B 200 -19.68 -0.33 1.93
CA ALA B 200 -19.86 -1.33 2.96
C ALA B 200 -20.80 -2.42 2.57
N HIS B 201 -22.01 -2.06 2.14
CA HIS B 201 -23.02 -3.03 1.74
C HIS B 201 -22.51 -4.03 0.76
N SER B 202 -21.83 -3.56 -0.27
CA SER B 202 -21.28 -4.46 -1.26
C SER B 202 -20.27 -5.42 -0.70
N SER B 203 -19.44 -4.93 0.19
CA SER B 203 -18.41 -5.74 0.80
C SER B 203 -19.00 -6.78 1.69
N PHE B 204 -20.05 -6.43 2.42
CA PHE B 204 -20.70 -7.39 3.27
C PHE B 204 -21.40 -8.43 2.43
N GLN B 205 -21.99 -7.99 1.34
CA GLN B 205 -22.65 -8.87 0.44
C GLN B 205 -21.71 -9.83 -0.22
N MET B 206 -20.50 -9.41 -0.54
CA MET B 206 -19.55 -10.28 -1.20
C MET B 206 -19.03 -11.34 -0.26
N ALA B 207 -18.80 -10.93 0.96
CA ALA B 207 -18.35 -11.83 1.96
C ALA B 207 -19.36 -12.95 2.15
N LEU B 208 -20.62 -12.59 2.33
CA LEU B 208 -21.70 -13.55 2.48
C LEU B 208 -21.89 -14.45 1.29
N SER B 209 -21.71 -13.90 0.11
CA SER B 209 -21.86 -14.63 -1.10
C SER B 209 -20.80 -15.70 -1.32
N LYS B 210 -19.57 -15.43 -0.90
CA LYS B 210 -18.49 -16.40 -1.07
C LYS B 210 -18.33 -17.34 0.10
N GLY B 211 -18.90 -16.94 1.24
CA GLY B 211 -18.67 -17.63 2.49
C GLY B 211 -17.36 -17.30 3.20
N TRP B 212 -16.88 -16.04 3.06
CA TRP B 212 -15.52 -15.68 3.50
C TRP B 212 -15.58 -14.49 4.41
N PRO B 213 -14.62 -14.42 5.39
CA PRO B 213 -14.47 -13.24 6.24
C PRO B 213 -14.11 -11.95 5.43
N LEU B 214 -14.40 -10.78 5.97
CA LEU B 214 -14.17 -9.52 5.36
C LEU B 214 -13.22 -8.69 6.29
N TYR B 215 -12.24 -7.99 5.72
CA TYR B 215 -11.48 -6.98 6.47
C TYR B 215 -11.61 -5.62 5.76
N LEU B 216 -11.76 -4.55 6.52
CA LEU B 216 -11.65 -3.22 5.98
C LEU B 216 -10.33 -2.65 6.50
N SER B 217 -9.54 -2.05 5.63
CA SER B 217 -8.31 -1.37 6.02
C SER B 217 -8.52 0.11 5.98
N THR B 218 -8.12 0.82 7.04
CA THR B 218 -7.93 2.23 7.05
C THR B 218 -6.65 2.56 7.87
N LYS B 219 -6.52 3.81 8.20
CA LYS B 219 -5.49 4.28 9.06
C LYS B 219 -6.18 5.29 9.94
N ASN B 220 -7.23 4.87 10.64
CA ASN B 220 -8.00 5.81 11.50
C ASN B 220 -7.25 6.33 12.76
N THR B 221 -6.15 5.71 13.14
CA THR B 221 -5.30 6.23 14.19
C THR B 221 -4.61 7.53 13.82
N ILE B 222 -4.43 7.73 12.53
CA ILE B 222 -3.85 8.94 12.02
C ILE B 222 -4.96 9.85 11.47
N LEU B 223 -5.75 9.36 10.54
CA LEU B 223 -6.90 10.11 10.03
C LEU B 223 -8.11 9.78 10.88
N LYS B 224 -8.22 10.43 12.05
CA LYS B 224 -9.23 10.04 13.07
C LYS B 224 -10.67 10.26 12.62
N LYS B 225 -10.88 11.36 11.92
CA LYS B 225 -12.19 11.69 11.37
C LYS B 225 -12.42 11.05 10.01
N TYR B 226 -11.47 11.24 9.09
CA TYR B 226 -11.72 10.87 7.69
C TYR B 226 -11.88 9.37 7.62
N ASP B 227 -10.90 8.63 8.12
CA ASP B 227 -10.97 7.21 8.11
C ASP B 227 -11.85 6.68 9.20
N GLY B 228 -11.93 7.41 10.32
CA GLY B 228 -12.88 7.03 11.38
C GLY B 228 -14.27 6.87 10.77
N ARG B 229 -14.64 7.76 9.84
CA ARG B 229 -15.98 7.65 9.21
C ARG B 229 -16.20 6.33 8.48
N PHE B 230 -15.16 5.86 7.79
CA PHE B 230 -15.21 4.56 7.15
C PHE B 230 -15.40 3.44 8.15
N LYS B 231 -14.51 3.41 9.12
CA LYS B 231 -14.57 2.41 10.18
C LYS B 231 -15.95 2.38 10.84
N ASP B 232 -16.40 3.54 11.31
CA ASP B 232 -17.74 3.70 11.92
C ASP B 232 -18.90 3.22 11.04
N ILE B 233 -18.98 3.73 9.81
CA ILE B 233 -20.09 3.37 8.93
C ILE B 233 -20.16 1.88 8.70
N PHE B 234 -19.03 1.23 8.51
CA PHE B 234 -18.99 -0.22 8.35
C PHE B 234 -19.40 -0.94 9.59
N GLN B 235 -19.01 -0.44 10.76
CA GLN B 235 -19.32 -1.17 12.01
C GLN B 235 -20.82 -1.08 12.29
N GLU B 236 -21.35 0.16 12.27
CA GLU B 236 -22.78 0.43 12.31
C GLU B 236 -23.53 -0.54 11.41
N ILE B 237 -23.24 -0.51 10.13
CA ILE B 237 -23.90 -1.37 9.19
C ILE B 237 -23.82 -2.85 9.47
N TYR B 238 -22.67 -3.33 9.88
CA TYR B 238 -22.50 -4.73 10.18
C TYR B 238 -23.31 -5.18 11.40
N ASP B 239 -23.38 -4.32 12.39
CA ASP B 239 -24.10 -4.64 13.58
C ASP B 239 -25.59 -4.76 13.31
N LYS B 240 -26.15 -3.81 12.58
CA LYS B 240 -27.56 -3.84 12.33
C LYS B 240 -28.03 -4.89 11.38
N GLN B 241 -27.37 -4.99 10.25
CA GLN B 241 -27.79 -5.88 9.21
C GLN B 241 -27.05 -7.14 8.91
N TYR B 242 -25.77 -7.23 9.24
CA TYR B 242 -25.07 -8.44 8.82
C TYR B 242 -24.45 -9.36 9.82
N LYS B 243 -24.25 -8.92 11.04
CA LYS B 243 -23.63 -9.74 12.06
C LYS B 243 -24.20 -11.16 12.26
N SER B 244 -25.53 -11.27 12.29
CA SER B 244 -26.23 -12.54 12.47
C SER B 244 -26.02 -13.50 11.29
N GLN B 245 -26.11 -12.96 10.08
CA GLN B 245 -25.90 -13.69 8.87
C GLN B 245 -24.50 -14.24 8.83
N PHE B 246 -23.56 -13.41 9.22
CA PHE B 246 -22.16 -13.74 9.25
C PHE B 246 -21.85 -14.81 10.27
N GLU B 247 -22.37 -14.64 11.49
CA GLU B 247 -22.24 -15.66 12.54
C GLU B 247 -22.81 -17.03 12.11
N ALA B 248 -23.95 -16.98 11.41
CA ALA B 248 -24.58 -18.15 10.81
C ALA B 248 -23.68 -18.85 9.79
N GLN B 249 -22.97 -18.08 8.93
CA GLN B 249 -21.97 -18.70 7.98
C GLN B 249 -20.56 -18.97 8.57
N LYS B 250 -20.39 -18.73 9.89
CA LYS B 250 -19.13 -18.96 10.61
C LYS B 250 -17.98 -18.11 10.02
N ILE B 251 -18.29 -16.84 9.74
CA ILE B 251 -17.34 -15.88 9.22
C ILE B 251 -17.45 -14.63 10.11
N TRP B 252 -16.72 -13.57 9.77
CA TRP B 252 -16.58 -12.39 10.61
C TRP B 252 -16.13 -11.15 9.78
N TYR B 253 -16.31 -9.98 10.35
CA TYR B 253 -15.82 -8.74 9.83
C TYR B 253 -14.89 -8.09 10.89
N GLU B 254 -13.67 -7.74 10.51
CA GLU B 254 -12.81 -6.93 11.39
C GLU B 254 -12.24 -5.76 10.63
N HIS B 255 -12.13 -4.62 11.31
CA HIS B 255 -11.29 -3.53 10.84
C HIS B 255 -9.82 -3.86 11.13
N ARG B 256 -8.96 -3.44 10.22
CA ARG B 256 -7.50 -3.53 10.38
C ARG B 256 -6.87 -2.23 9.93
N LEU B 257 -5.78 -1.89 10.57
CA LEU B 257 -5.02 -0.77 10.17
C LEU B 257 -4.31 -1.19 8.90
N ILE B 258 -4.22 -0.32 7.93
CA ILE B 258 -3.65 -0.64 6.63
C ILE B 258 -2.32 -1.35 6.57
N ASP B 259 -1.36 -0.95 7.37
CA ASP B 259 -0.08 -1.61 7.33
C ASP B 259 -0.12 -3.00 7.94
N ASP B 260 -0.91 -3.18 8.96
CA ASP B 260 -1.06 -4.49 9.54
C ASP B 260 -1.74 -5.44 8.56
N MET B 261 -2.72 -4.95 7.82
CA MET B 261 -3.49 -5.70 6.86
C MET B 261 -2.72 -6.19 5.68
N VAL B 262 -1.81 -5.39 5.16
CA VAL B 262 -1.01 -5.81 4.04
C VAL B 262 -0.05 -6.91 4.49
N ALA B 263 0.45 -6.84 5.71
CA ALA B 263 1.29 -7.88 6.25
C ALA B 263 0.48 -9.15 6.51
N GLN B 264 -0.72 -8.97 7.02
CA GLN B 264 -1.66 -10.02 7.27
C GLN B 264 -1.99 -10.71 5.98
N ALA B 265 -2.32 -9.94 4.95
CA ALA B 265 -2.65 -10.55 3.65
C ALA B 265 -1.48 -11.39 3.18
N MET B 266 -0.27 -10.85 3.29
CA MET B 266 0.95 -11.46 2.76
C MET B 266 1.27 -12.77 3.48
N LYS B 267 1.05 -12.80 4.80
CA LYS B 267 1.21 -13.99 5.65
C LYS B 267 0.10 -15.06 5.56
N SER B 268 -1.06 -14.66 5.06
CA SER B 268 -2.31 -15.44 5.04
C SER B 268 -2.24 -16.56 4.02
N GLU B 269 -3.30 -17.35 4.01
CA GLU B 269 -3.48 -18.41 3.04
C GLU B 269 -4.57 -18.06 2.01
N GLY B 270 -4.99 -16.81 2.01
CA GLY B 270 -6.06 -16.42 1.13
C GLY B 270 -7.43 -16.65 1.72
N GLY B 271 -8.44 -16.46 0.89
CA GLY B 271 -9.79 -16.80 1.21
C GLY B 271 -10.45 -15.82 2.11
N PHE B 272 -10.35 -14.55 1.76
CA PHE B 272 -11.04 -13.49 2.49
C PHE B 272 -11.33 -12.42 1.48
N ILE B 273 -12.25 -11.53 1.85
CA ILE B 273 -12.60 -10.37 1.09
C ILE B 273 -11.85 -9.26 1.79
N TRP B 274 -11.33 -8.31 1.00
CA TRP B 274 -10.58 -7.18 1.51
C TRP B 274 -11.15 -5.91 0.98
N ALA B 275 -11.87 -5.22 1.82
CA ALA B 275 -12.46 -3.93 1.45
C ALA B 275 -11.38 -2.84 1.56
N CYS B 276 -11.18 -2.15 0.48
CA CYS B 276 -10.18 -1.16 0.42
C CYS B 276 -10.69 0.12 -0.06
N LYS B 277 -10.09 1.16 0.43
CA LYS B 277 -10.33 2.50 0.01
C LYS B 277 -9.66 2.67 -1.34
N ASN B 278 -10.21 3.53 -2.19
CA ASN B 278 -9.77 3.83 -3.54
C ASN B 278 -8.31 3.66 -3.85
N TYR B 279 -7.47 4.48 -3.23
CA TYR B 279 -6.03 4.42 -3.45
C TYR B 279 -5.49 3.03 -3.12
N ASP B 280 -5.81 2.54 -1.93
CA ASP B 280 -5.38 1.23 -1.43
C ASP B 280 -5.80 0.11 -2.34
N GLY B 281 -7.01 0.16 -2.88
CA GLY B 281 -7.51 -0.80 -3.82
C GLY B 281 -6.73 -0.77 -5.10
N ASP B 282 -6.40 0.42 -5.52
CA ASP B 282 -5.61 0.58 -6.67
C ASP B 282 -4.24 -0.05 -6.40
N VAL B 283 -3.61 0.30 -5.30
CA VAL B 283 -2.33 -0.24 -5.00
C VAL B 283 -2.25 -1.72 -4.65
N GLN B 284 -3.13 -2.18 -3.80
CA GLN B 284 -3.05 -3.54 -3.38
C GLN B 284 -3.51 -4.58 -4.36
N SER B 285 -4.37 -4.21 -5.27
CA SER B 285 -4.83 -5.13 -6.27
C SER B 285 -3.74 -5.54 -7.23
N ASP B 286 -2.82 -4.65 -7.53
CA ASP B 286 -1.72 -4.96 -8.39
C ASP B 286 -0.73 -5.87 -7.74
N SER B 287 -0.50 -5.64 -6.46
CA SER B 287 0.37 -6.42 -5.63
C SER B 287 -0.15 -7.83 -5.51
N VAL B 288 -1.43 -7.96 -5.22
CA VAL B 288 -2.09 -9.22 -5.07
C VAL B 288 -2.09 -9.97 -6.37
N ALA B 289 -2.42 -9.29 -7.46
CA ALA B 289 -2.41 -9.93 -8.75
C ALA B 289 -1.06 -10.42 -9.10
N GLN B 290 -0.05 -9.60 -8.94
CA GLN B 290 1.29 -10.03 -9.19
C GLN B 290 1.71 -11.14 -8.26
N GLY B 291 1.27 -11.09 -7.03
CA GLY B 291 1.59 -12.14 -6.09
C GLY B 291 1.09 -13.54 -6.47
N TYR B 292 -0.08 -13.60 -7.11
CA TYR B 292 -0.68 -14.85 -7.64
C TYR B 292 0.03 -15.30 -8.89
N GLY B 293 0.95 -14.54 -9.40
CA GLY B 293 1.67 -15.01 -10.54
C GLY B 293 1.81 -14.13 -11.73
N SER B 294 0.75 -13.37 -12.03
CA SER B 294 0.78 -12.47 -13.17
C SER B 294 -0.03 -11.20 -12.94
N LEU B 295 0.48 -10.07 -13.36
CA LEU B 295 -0.25 -8.83 -13.19
C LEU B 295 -1.42 -8.80 -14.16
N GLY B 296 -1.26 -9.38 -15.32
CA GLY B 296 -2.32 -9.39 -16.27
C GLY B 296 -3.48 -10.31 -15.97
N MET B 297 -3.24 -11.36 -15.22
CA MET B 297 -4.29 -12.29 -14.89
C MET B 297 -5.19 -11.85 -13.78
N MET B 298 -6.05 -10.92 -14.09
CA MET B 298 -6.94 -10.36 -13.12
C MET B 298 -8.32 -9.96 -13.61
N THR B 299 -9.35 -10.38 -12.92
CA THR B 299 -10.69 -9.80 -13.18
C THR B 299 -10.89 -8.44 -12.45
N SER B 300 -11.75 -7.60 -12.99
CA SER B 300 -12.02 -6.30 -12.41
C SER B 300 -13.36 -5.80 -12.85
N VAL B 301 -14.29 -5.72 -11.92
CA VAL B 301 -15.74 -5.48 -12.21
C VAL B 301 -16.29 -4.47 -11.25
N LEU B 302 -16.57 -3.27 -11.72
CA LEU B 302 -17.26 -2.24 -10.92
C LEU B 302 -18.71 -2.66 -10.78
N VAL B 303 -19.17 -2.81 -9.56
CA VAL B 303 -20.52 -3.20 -9.25
C VAL B 303 -21.18 -1.97 -8.70
N CYS B 304 -22.13 -1.46 -9.43
CA CYS B 304 -22.77 -0.25 -9.01
C CYS B 304 -23.67 -0.40 -7.81
N PRO B 305 -23.92 0.71 -7.12
CA PRO B 305 -24.74 0.77 -5.93
C PRO B 305 -26.17 0.35 -6.20
N ASP B 306 -26.70 0.61 -7.38
CA ASP B 306 -28.06 0.18 -7.77
C ASP B 306 -28.40 -1.32 -7.90
N GLY B 307 -27.51 -2.23 -7.53
CA GLY B 307 -27.69 -3.65 -7.60
C GLY B 307 -28.11 -4.10 -8.96
N LYS B 308 -27.53 -3.51 -10.00
CA LYS B 308 -27.96 -3.87 -11.36
C LYS B 308 -26.90 -3.57 -12.48
N THR B 309 -26.47 -2.33 -12.55
CA THR B 309 -25.42 -1.88 -13.42
C THR B 309 -24.02 -2.42 -13.04
N VAL B 310 -23.23 -2.74 -14.06
CA VAL B 310 -21.91 -3.30 -13.90
C VAL B 310 -20.98 -2.82 -15.00
N GLU B 311 -19.75 -2.38 -14.65
CA GLU B 311 -18.65 -2.18 -15.65
C GLU B 311 -17.45 -3.13 -15.43
N ALA B 312 -17.34 -4.18 -16.26
CA ALA B 312 -16.14 -5.04 -16.34
C ALA B 312 -15.03 -4.36 -17.15
N GLU B 313 -13.78 -4.52 -16.71
CA GLU B 313 -12.66 -3.93 -17.39
C GLU B 313 -11.46 -4.85 -17.49
N ALA B 314 -10.67 -4.57 -18.52
CA ALA B 314 -9.26 -5.00 -18.57
C ALA B 314 -8.51 -3.85 -17.97
N ALA B 315 -8.04 -4.04 -16.76
CA ALA B 315 -7.40 -3.02 -15.96
C ALA B 315 -5.98 -2.65 -16.24
N HIS B 316 -5.26 -3.56 -16.83
CA HIS B 316 -3.92 -3.27 -17.19
C HIS B 316 -3.86 -3.34 -18.68
N GLY B 317 -2.99 -2.52 -19.27
CA GLY B 317 -2.70 -2.54 -20.69
C GLY B 317 -1.49 -3.41 -20.88
N THR B 318 -0.56 -2.98 -21.70
CA THR B 318 0.70 -3.69 -21.84
C THR B 318 1.51 -3.24 -20.59
N VAL B 319 2.10 -4.20 -19.87
CA VAL B 319 2.71 -3.86 -18.60
C VAL B 319 4.08 -3.20 -18.48
N THR B 320 5.01 -3.47 -19.41
CA THR B 320 6.39 -2.87 -19.52
C THR B 320 7.46 -3.54 -18.59
N THR B 334 0.74 -8.81 -24.17
CA THR B 334 0.55 -9.74 -25.28
C THR B 334 -0.43 -10.69 -24.76
N ASN B 335 -0.83 -10.45 -23.51
CA ASN B 335 -1.67 -11.43 -22.77
C ASN B 335 -3.13 -11.07 -22.86
N PRO B 336 -3.89 -11.76 -23.67
CA PRO B 336 -5.28 -11.38 -23.89
C PRO B 336 -6.31 -11.81 -22.90
N ILE B 337 -5.94 -12.57 -21.89
CA ILE B 337 -6.88 -13.14 -20.93
C ILE B 337 -7.71 -12.11 -20.16
N ALA B 338 -7.09 -11.04 -19.70
CA ALA B 338 -7.84 -10.00 -19.01
C ALA B 338 -8.99 -9.46 -19.86
N SER B 339 -8.68 -9.17 -21.11
CA SER B 339 -9.66 -8.66 -22.06
C SER B 339 -10.73 -9.74 -22.29
N ILE B 340 -10.31 -10.98 -22.48
CA ILE B 340 -11.25 -12.04 -22.66
C ILE B 340 -12.23 -12.08 -21.50
N PHE B 341 -11.71 -12.07 -20.27
CA PHE B 341 -12.53 -12.12 -19.10
C PHE B 341 -13.30 -10.83 -18.82
N ALA B 342 -12.88 -9.70 -19.35
CA ALA B 342 -13.74 -8.52 -19.20
C ALA B 342 -15.08 -8.76 -19.98
N TRP B 343 -14.99 -9.44 -21.14
CA TRP B 343 -16.12 -9.77 -22.02
C TRP B 343 -17.01 -10.79 -21.33
N THR B 344 -16.41 -11.93 -20.90
CA THR B 344 -17.12 -12.98 -20.15
C THR B 344 -17.79 -12.51 -18.85
N ARG B 345 -17.17 -11.59 -18.12
CA ARG B 345 -17.79 -11.15 -16.86
C ARG B 345 -18.95 -10.22 -17.11
N GLY B 346 -18.80 -9.35 -18.10
CA GLY B 346 -19.85 -8.47 -18.54
C GLY B 346 -21.02 -9.25 -19.12
N LEU B 347 -20.74 -10.28 -19.92
CA LEU B 347 -21.76 -11.15 -20.52
C LEU B 347 -22.41 -12.07 -19.51
N ALA B 348 -21.65 -12.58 -18.55
CA ALA B 348 -22.22 -13.34 -17.42
C ALA B 348 -23.23 -12.48 -16.69
N HIS B 349 -22.94 -11.21 -16.49
CA HIS B 349 -23.85 -10.33 -15.81
C HIS B 349 -25.11 -9.93 -16.66
N ARG B 350 -24.89 -9.72 -17.96
CA ARG B 350 -25.93 -9.46 -18.93
C ARG B 350 -26.91 -10.64 -18.90
N ALA B 351 -26.37 -11.86 -18.92
CA ALA B 351 -27.16 -13.06 -18.87
C ALA B 351 -27.93 -13.12 -17.55
N LYS B 352 -27.33 -12.61 -16.46
CA LYS B 352 -28.05 -12.59 -15.18
C LYS B 352 -29.26 -11.68 -15.32
N LEU B 353 -29.06 -10.43 -15.76
CA LEU B 353 -30.15 -9.47 -15.83
C LEU B 353 -31.35 -9.97 -16.70
N ASP B 354 -31.03 -10.59 -17.85
CA ASP B 354 -31.97 -11.05 -18.85
C ASP B 354 -32.42 -12.50 -18.58
N ASN B 355 -31.93 -13.12 -17.54
CA ASN B 355 -32.23 -14.55 -17.33
C ASN B 355 -32.00 -15.43 -18.58
N ASN B 356 -30.88 -15.22 -19.24
CA ASN B 356 -30.50 -15.97 -20.43
C ASN B 356 -29.55 -17.13 -20.14
N LYS B 357 -30.08 -18.32 -19.97
CA LYS B 357 -29.20 -19.50 -19.68
C LYS B 357 -28.15 -19.76 -20.76
N GLU B 358 -28.43 -19.34 -22.00
CA GLU B 358 -27.53 -19.60 -23.10
C GLU B 358 -26.27 -18.71 -23.01
N LEU B 359 -26.51 -17.40 -22.80
CA LEU B 359 -25.44 -16.43 -22.65
C LEU B 359 -24.47 -16.78 -21.50
N ALA B 360 -25.04 -17.16 -20.36
CA ALA B 360 -24.26 -17.54 -19.18
C ALA B 360 -23.51 -18.82 -19.36
N PHE B 361 -24.10 -19.74 -20.08
CA PHE B 361 -23.34 -20.96 -20.42
C PHE B 361 -22.13 -20.58 -21.32
N PHE B 362 -22.36 -19.67 -22.26
CA PHE B 362 -21.33 -19.25 -23.15
C PHE B 362 -20.13 -18.64 -22.39
N ALA B 363 -20.45 -17.56 -21.65
CA ALA B 363 -19.46 -16.81 -20.81
C ALA B 363 -18.56 -17.73 -19.97
N ASN B 364 -19.21 -18.61 -19.23
CA ASN B 364 -18.52 -19.58 -18.42
C ASN B 364 -17.65 -20.57 -19.21
N ALA B 365 -18.13 -21.00 -20.35
CA ALA B 365 -17.36 -21.89 -21.19
C ALA B 365 -16.10 -21.24 -21.81
N LEU B 366 -16.21 -19.99 -22.26
CA LEU B 366 -15.05 -19.23 -22.74
C LEU B 366 -14.01 -19.11 -21.60
N GLU B 367 -14.48 -18.85 -20.38
CA GLU B 367 -13.57 -18.81 -19.24
C GLU B 367 -12.85 -20.13 -19.01
N GLU B 368 -13.56 -21.25 -19.01
CA GLU B 368 -12.94 -22.58 -18.78
C GLU B 368 -11.90 -22.96 -19.84
N VAL B 369 -12.27 -22.69 -21.06
CA VAL B 369 -11.47 -22.95 -22.21
C VAL B 369 -10.23 -22.11 -22.19
N SER B 370 -10.36 -20.86 -21.75
CA SER B 370 -9.22 -19.94 -21.60
C SER B 370 -8.16 -20.54 -20.70
N ILE B 371 -8.62 -21.00 -19.53
CA ILE B 371 -7.80 -21.62 -18.51
C ILE B 371 -7.31 -23.02 -18.92
N GLU B 372 -8.16 -23.86 -19.51
CA GLU B 372 -7.73 -25.21 -19.92
C GLU B 372 -6.67 -25.13 -20.99
N THR B 373 -6.75 -24.15 -21.87
CA THR B 373 -5.77 -23.98 -22.93
C THR B 373 -4.41 -23.72 -22.35
N ILE B 374 -4.34 -22.73 -21.48
CA ILE B 374 -3.10 -22.42 -20.72
C ILE B 374 -2.59 -23.63 -19.91
N GLU B 375 -3.50 -24.29 -19.19
CA GLU B 375 -3.12 -25.46 -18.39
C GLU B 375 -2.61 -26.61 -19.27
N ALA B 376 -3.09 -26.70 -20.51
CA ALA B 376 -2.56 -27.72 -21.40
C ALA B 376 -1.16 -27.39 -22.03
N GLY B 377 -0.60 -26.20 -21.76
CA GLY B 377 0.73 -25.82 -22.25
C GLY B 377 0.72 -24.86 -23.42
N PHE B 378 -0.47 -24.35 -23.81
CA PHE B 378 -0.64 -23.44 -24.97
C PHE B 378 -0.90 -22.04 -24.40
N MET B 379 0.08 -21.14 -24.57
CA MET B 379 0.07 -19.86 -23.84
C MET B 379 0.98 -18.89 -24.54
N THR B 380 0.77 -17.64 -24.23
CA THR B 380 1.57 -16.51 -24.73
C THR B 380 2.91 -16.42 -24.00
N LYS B 381 3.75 -15.53 -24.48
CA LYS B 381 5.12 -15.45 -24.02
C LYS B 381 5.25 -15.06 -22.56
N ASP B 382 4.44 -14.13 -22.10
CA ASP B 382 4.52 -13.70 -20.68
C ASP B 382 4.22 -14.86 -19.70
N LEU B 383 3.26 -15.68 -20.06
CA LEU B 383 2.91 -16.82 -19.20
C LEU B 383 3.99 -17.88 -19.22
N ALA B 384 4.60 -18.06 -20.36
CA ALA B 384 5.74 -18.99 -20.48
C ALA B 384 6.98 -18.43 -19.76
N ALA B 385 7.18 -17.09 -19.81
CA ALA B 385 8.16 -16.42 -18.91
C ALA B 385 7.97 -16.71 -17.43
N CYS B 386 6.72 -16.70 -16.97
CA CYS B 386 6.47 -16.91 -15.56
C CYS B 386 6.82 -18.32 -15.16
N ILE B 387 6.86 -19.28 -16.09
CA ILE B 387 7.06 -20.69 -15.72
C ILE B 387 8.55 -21.02 -15.61
N LYS B 388 9.33 -20.49 -16.54
CA LYS B 388 10.71 -20.89 -16.64
C LYS B 388 11.71 -19.75 -16.78
N GLY B 389 11.22 -18.51 -16.71
CA GLY B 389 12.06 -17.34 -16.65
C GLY B 389 12.31 -16.86 -18.04
N LEU B 390 12.09 -15.57 -18.27
CA LEU B 390 12.25 -14.93 -19.59
C LEU B 390 13.58 -15.23 -20.34
N PRO B 391 14.74 -15.20 -19.61
CA PRO B 391 16.00 -15.67 -20.21
C PRO B 391 15.94 -17.05 -20.83
N ASN B 392 15.18 -18.00 -20.25
CA ASN B 392 15.10 -19.38 -20.76
C ASN B 392 14.02 -19.67 -21.82
N VAL B 393 13.37 -18.65 -22.34
CA VAL B 393 12.14 -18.85 -23.11
C VAL B 393 12.49 -18.86 -24.55
N GLN B 394 12.14 -19.92 -25.24
CA GLN B 394 12.28 -19.90 -26.69
C GLN B 394 10.96 -19.99 -27.44
N ARG B 395 10.96 -19.48 -28.66
CA ARG B 395 9.85 -19.42 -29.59
C ARG B 395 8.90 -20.60 -29.54
N SER B 396 9.44 -21.80 -29.45
CA SER B 396 8.62 -23.01 -29.37
C SER B 396 7.89 -23.19 -28.05
N ASP B 397 8.19 -22.37 -27.03
CA ASP B 397 7.50 -22.43 -25.73
C ASP B 397 6.17 -21.69 -25.69
N TYR B 398 5.94 -20.83 -26.64
CA TYR B 398 4.78 -20.04 -26.61
C TYR B 398 4.11 -19.87 -27.93
N LEU B 399 2.93 -19.34 -27.87
CA LEU B 399 2.19 -19.03 -29.05
C LEU B 399 2.15 -17.54 -29.17
N ASN B 400 2.08 -17.06 -30.40
CA ASN B 400 1.94 -15.64 -30.62
C ASN B 400 0.48 -15.24 -30.48
N THR B 401 0.22 -13.94 -30.43
CA THR B 401 -1.14 -13.43 -30.28
C THR B 401 -2.17 -14.06 -31.19
N PHE B 402 -1.87 -14.13 -32.46
CA PHE B 402 -2.78 -14.72 -33.39
C PHE B 402 -2.94 -16.21 -33.18
N GLU B 403 -1.84 -16.91 -32.96
CA GLU B 403 -1.92 -18.33 -32.78
C GLU B 403 -2.63 -18.74 -31.52
N PHE B 404 -2.53 -17.95 -30.47
CA PHE B 404 -3.18 -18.23 -29.21
C PHE B 404 -4.66 -18.07 -29.36
N MET B 405 -5.07 -16.97 -29.93
CA MET B 405 -6.46 -16.72 -30.22
C MET B 405 -7.07 -17.83 -31.10
N ASP B 406 -6.34 -18.29 -32.12
CA ASP B 406 -6.87 -19.37 -32.95
C ASP B 406 -7.04 -20.61 -32.10
N LYS B 407 -6.03 -20.94 -31.32
CA LYS B 407 -6.09 -22.10 -30.49
C LYS B 407 -7.21 -22.02 -29.49
N LEU B 408 -7.61 -20.83 -29.08
CA LEU B 408 -8.70 -20.72 -28.15
C LEU B 408 -9.99 -20.87 -28.90
N GLY B 409 -9.98 -20.45 -30.15
CA GLY B 409 -11.14 -20.58 -30.99
C GLY B 409 -11.41 -22.03 -31.27
N GLU B 410 -10.37 -22.77 -31.61
CA GLU B 410 -10.44 -24.17 -31.86
C GLU B 410 -11.09 -24.88 -30.70
N ASN B 411 -10.62 -24.60 -29.49
CA ASN B 411 -11.13 -25.24 -28.30
C ASN B 411 -12.48 -24.74 -27.83
N LEU B 412 -12.87 -23.52 -28.14
CA LEU B 412 -14.14 -23.04 -27.68
C LEU B 412 -15.22 -23.60 -28.54
N LYS B 413 -14.92 -23.78 -29.80
CA LYS B 413 -15.86 -24.35 -30.73
C LYS B 413 -16.07 -25.79 -30.33
N ILE B 414 -15.01 -26.49 -30.00
CA ILE B 414 -15.15 -27.86 -29.61
C ILE B 414 -16.00 -28.03 -28.38
N LYS B 415 -15.85 -27.17 -27.41
CA LYS B 415 -16.60 -27.24 -26.19
C LYS B 415 -18.04 -26.76 -26.31
N LEU B 416 -18.30 -25.82 -27.20
CA LEU B 416 -19.69 -25.35 -27.34
C LEU B 416 -20.55 -26.35 -28.16
N ALA B 417 -19.95 -26.99 -29.16
CA ALA B 417 -20.53 -28.14 -29.86
C ALA B 417 -21.07 -29.20 -28.89
N GLN B 418 -20.22 -29.67 -27.97
CA GLN B 418 -20.59 -30.74 -27.03
C GLN B 418 -21.86 -30.49 -26.18
N ALA B 419 -22.24 -29.24 -25.94
CA ALA B 419 -23.56 -28.93 -25.34
C ALA B 419 -24.70 -28.88 -26.37
MG MG C . 4.06 0.86 9.71
C1 ICT D . 5.27 2.80 12.05
O1 ICT D . 5.97 3.41 12.82
O2 ICT D . 5.87 2.38 11.11
C2 ICT D . 3.82 2.56 12.26
O7 ICT D . 3.30 1.83 11.23
C3 ICT D . 3.28 3.88 12.73
C4 ICT D . 2.58 3.98 14.07
C5 ICT D . 2.07 5.25 14.67
O3 ICT D . 2.72 6.24 14.93
O4 ICT D . 0.91 5.34 14.97
C6 ICT D . 3.06 4.94 11.73
O5 ICT D . 4.04 5.52 11.31
O6 ICT D . 1.99 5.23 11.27
H2 ICT D . 3.77 1.97 13.04
HO7 ICT D . 2.52 1.51 11.45
H3 ICT D . 4.14 4.23 13.05
H41 ICT D . 3.18 3.59 14.72
H42 ICT D . 1.81 3.38 14.00
MG MG E . -4.24 0.16 -10.67
K K F . -1.36 2.72 -14.09
C1 ICT G . -6.46 0.78 -12.47
O1 ICT G . -6.26 0.00 -11.56
O2 ICT G . -7.57 0.71 -12.95
C2 ICT G . -5.43 1.74 -12.95
O7 ICT G . -4.29 1.72 -12.23
C3 ICT G . -6.03 3.07 -13.15
C4 ICT G . -5.34 3.98 -14.15
C5 ICT G . -5.91 5.30 -14.43
O3 ICT G . -5.20 6.26 -14.61
O4 ICT G . -7.08 5.49 -14.47
C6 ICT G . -6.44 3.67 -11.89
O5 ICT G . -5.90 4.62 -11.44
O6 ICT G . -7.33 3.18 -11.24
H2 ICT G . -5.18 1.43 -13.83
HO7 ICT G . -3.62 1.55 -12.77
H3 ICT G . -6.88 2.88 -13.59
H41 ICT G . -5.31 3.50 -14.99
H42 ICT G . -4.44 4.11 -13.84
K K H . 0.11 0.47 13.42
#